data_8VGB
#
_entry.id   8VGB
#
_cell.length_a   68.393
_cell.length_b   68.419
_cell.length_c   167.977
_cell.angle_alpha   90.000
_cell.angle_beta   89.910
_cell.angle_gamma   90.000
#
_symmetry.space_group_name_H-M   'P 1 21 1'
#
loop_
_entity.id
_entity.type
_entity.pdbx_description
1 polymer 'Guanine nucleotide-binding protein alpha-1 subunit'
2 non-polymer "GUANOSINE-5'-DIPHOSPHATE"
3 non-polymer 'MAGNESIUM ION'
#
_entity_poly.entity_id   1
_entity_poly.type   'polypeptide(L)'
_entity_poly.pdbx_seq_one_letter_code
;MASMGSSCSRSHSLSEAETTKNAKSADIDRRILQETKAEQHIHKLLLLGAGESGKSTIFKQIKLLFQTGFDEAELRSYTS
VIHANVYQTIKILYEGAKELSQVESDSSKYVISPDNQEIGEKLSDIDGRLDYPLLNKELVLDVKRLWQDPAIQETYLRGS
ILQLPDCAQYFMENLVRLAEAGYVPTKEDVLYARVRTNGVVQIQFSPVGENKRGGEVYRLYDVGGQRNERRKWIHLFEGV
NAVIFCAAISEYDQMLFEDETKNRMMETKELFDWVLKQRCFEKTSFILFLNKFDICEKKIQKVPLSVCEWFKDYQPIAPG
KQEVEHAYEFVKKKFEELYFQSSKPDRVDRVFKIYRTTALDQKLVKKTFKLIDESMRRSREGT
;
_entity_poly.pdbx_strand_id   A,B,C,D
#
# COMPACT_ATOMS: atom_id res chain seq x y z
N HIS A 43 -25.19 3.20 14.10
CA HIS A 43 -25.43 1.87 13.57
C HIS A 43 -24.17 1.28 12.92
N LYS A 44 -23.14 2.10 12.74
CA LYS A 44 -22.01 1.75 11.87
C LYS A 44 -20.87 1.11 12.66
N LEU A 45 -20.36 -0.01 12.14
CA LEU A 45 -19.19 -0.69 12.68
C LEU A 45 -18.26 -1.08 11.54
N LEU A 46 -16.95 -0.95 11.78
CA LEU A 46 -15.91 -1.31 10.81
C LEU A 46 -14.88 -2.20 11.49
N LEU A 47 -14.40 -3.20 10.75
CA LEU A 47 -13.47 -4.20 11.27
C LEU A 47 -12.09 -3.96 10.73
N LEU A 48 -11.11 -3.82 11.63
CA LEU A 48 -9.72 -3.60 11.25
C LEU A 48 -8.82 -4.56 12.02
N GLY A 49 -7.92 -5.23 11.30
CA GLY A 49 -7.00 -6.16 11.92
C GLY A 49 -5.80 -6.40 11.03
N ALA A 50 -4.85 -7.18 11.56
CA ALA A 50 -3.60 -7.48 10.87
C ALA A 50 -3.48 -8.98 10.66
N GLY A 51 -3.25 -9.38 9.40
CA GLY A 51 -3.00 -10.78 9.09
C GLY A 51 -4.15 -11.67 9.52
N GLU A 52 -3.85 -12.62 10.39
CA GLU A 52 -4.86 -13.56 10.91
C GLU A 52 -5.37 -13.10 12.26
N SER A 53 -5.94 -11.89 12.27
CA SER A 53 -6.50 -11.34 13.50
C SER A 53 -7.79 -12.01 13.92
N GLY A 54 -8.50 -12.63 12.99
CA GLY A 54 -9.77 -13.25 13.28
C GLY A 54 -10.99 -12.39 13.05
N LYS A 55 -10.84 -11.26 12.35
CA LYS A 55 -11.99 -10.38 12.13
C LYS A 55 -13.04 -11.04 11.24
N SER A 56 -12.60 -11.76 10.20
CA SER A 56 -13.54 -12.47 9.36
C SER A 56 -14.27 -13.55 10.15
N THR A 57 -13.58 -14.19 11.10
CA THR A 57 -14.24 -15.17 11.96
C THR A 57 -15.31 -14.52 12.83
N ILE A 58 -14.99 -13.37 13.43
CA ILE A 58 -16.01 -12.59 14.16
C ILE A 58 -17.19 -12.28 13.24
N PHE A 59 -16.88 -11.81 12.04
CA PHE A 59 -17.91 -11.57 11.03
C PHE A 59 -18.72 -12.84 10.74
N LYS A 60 -18.04 -13.98 10.62
CA LYS A 60 -18.74 -15.22 10.24
C LYS A 60 -19.71 -15.67 11.32
N GLN A 61 -19.28 -15.72 12.57
CA GLN A 61 -20.12 -16.25 13.63
C GLN A 61 -21.14 -15.26 14.17
N ILE A 62 -20.95 -13.96 13.94
CA ILE A 62 -22.07 -13.03 14.12
C ILE A 62 -23.13 -13.34 13.07
N LYS A 63 -22.70 -13.85 11.90
CA LYS A 63 -23.65 -14.26 10.86
C LYS A 63 -24.43 -15.50 11.27
N LEU A 64 -23.75 -16.51 11.78
CA LEU A 64 -24.47 -17.68 12.30
C LEU A 64 -25.24 -17.34 13.56
N LEU A 65 -24.73 -16.43 14.39
CA LEU A 65 -25.41 -16.13 15.64
C LEU A 65 -26.70 -15.35 15.37
N PHE A 66 -26.62 -14.30 14.57
CA PHE A 66 -27.76 -13.45 14.30
C PHE A 66 -28.37 -13.68 12.92
N GLN A 67 -29.65 -13.31 12.82
CA GLN A 67 -30.42 -13.45 11.62
C GLN A 67 -30.70 -12.06 11.04
N THR A 68 -30.38 -11.86 9.76
CA THR A 68 -29.81 -12.67 8.68
C THR A 68 -30.52 -14.02 8.61
N GLY A 69 -31.86 -13.93 8.54
CA GLY A 69 -32.70 -15.10 8.80
C GLY A 69 -32.28 -16.32 8.03
N PHE A 70 -31.96 -16.17 6.76
CA PHE A 70 -31.43 -17.25 5.95
C PHE A 70 -30.00 -16.92 5.56
N ASP A 71 -29.03 -17.64 6.16
CA ASP A 71 -29.02 -18.84 7.00
C ASP A 71 -30.04 -19.86 6.52
N GLU A 72 -29.91 -20.15 5.23
CA GLU A 72 -30.97 -20.79 4.48
C GLU A 72 -31.08 -22.28 4.83
N ALA A 73 -30.13 -23.11 4.43
CA ALA A 73 -28.97 -23.25 3.54
C ALA A 73 -27.96 -22.10 3.31
N GLU A 74 -27.63 -21.33 4.35
CA GLU A 74 -26.38 -20.57 4.29
C GLU A 74 -25.20 -21.53 4.36
N LEU A 75 -25.28 -22.44 5.31
CA LEU A 75 -24.34 -23.54 5.43
C LEU A 75 -24.23 -24.29 4.11
N ARG A 76 -25.37 -24.55 3.44
CA ARG A 76 -25.35 -25.31 2.19
C ARG A 76 -24.62 -24.56 1.08
N SER A 77 -24.80 -23.25 0.98
CA SER A 77 -24.05 -22.48 -0.01
C SER A 77 -22.56 -22.45 0.35
N TYR A 78 -22.24 -22.57 1.64
CA TYR A 78 -20.87 -22.51 2.10
C TYR A 78 -20.12 -23.82 1.92
N THR A 79 -20.80 -24.94 1.65
CA THR A 79 -20.10 -26.21 1.44
C THR A 79 -19.15 -26.13 0.27
N SER A 80 -19.56 -25.49 -0.83
CA SER A 80 -18.69 -25.32 -1.98
C SER A 80 -17.37 -24.67 -1.58
N VAL A 81 -17.46 -23.61 -0.77
CA VAL A 81 -16.25 -23.02 -0.18
C VAL A 81 -15.46 -24.09 0.56
N ILE A 82 -16.08 -24.70 1.57
CA ILE A 82 -15.41 -25.70 2.39
C ILE A 82 -14.71 -26.74 1.52
N HIS A 83 -15.44 -27.30 0.55
CA HIS A 83 -14.82 -28.23 -0.40
C HIS A 83 -13.55 -27.61 -0.99
N ALA A 84 -13.61 -26.34 -1.40
CA ALA A 84 -12.47 -25.70 -2.04
C ALA A 84 -11.22 -25.76 -1.19
N ASN A 85 -11.31 -25.37 0.09
CA ASN A 85 -10.10 -25.42 0.93
C ASN A 85 -9.58 -26.84 1.08
N VAL A 86 -10.47 -27.84 1.11
CA VAL A 86 -9.98 -29.22 1.08
C VAL A 86 -9.14 -29.46 -0.17
N TYR A 87 -9.58 -28.92 -1.31
CA TYR A 87 -8.90 -29.24 -2.56
C TYR A 87 -7.62 -28.42 -2.75
N GLN A 88 -7.61 -27.15 -2.36
CA GLN A 88 -6.35 -26.43 -2.51
C GLN A 88 -5.41 -26.65 -1.32
N THR A 89 -5.89 -27.22 -0.21
CA THR A 89 -4.98 -27.57 0.88
C THR A 89 -4.09 -28.74 0.51
N ILE A 90 -4.69 -29.85 0.06
CA ILE A 90 -3.83 -30.95 -0.36
C ILE A 90 -3.10 -30.59 -1.64
N LYS A 91 -3.56 -29.54 -2.34
CA LYS A 91 -2.84 -29.07 -3.52
C LYS A 91 -1.53 -28.39 -3.13
N ILE A 92 -1.61 -27.44 -2.20
CA ILE A 92 -0.39 -26.77 -1.75
C ILE A 92 0.51 -27.75 -1.01
N LEU A 93 -0.09 -28.69 -0.27
CA LEU A 93 0.69 -29.72 0.41
C LEU A 93 1.49 -30.55 -0.59
N TYR A 94 0.85 -30.96 -1.69
CA TYR A 94 1.54 -31.74 -2.71
C TYR A 94 2.64 -30.91 -3.38
N GLU A 95 2.35 -29.65 -3.69
CA GLU A 95 3.34 -28.81 -4.33
C GLU A 95 4.55 -28.60 -3.43
N GLY A 96 4.33 -28.43 -2.13
CA GLY A 96 5.42 -28.27 -1.20
C GLY A 96 6.40 -29.42 -1.24
N ALA A 97 5.91 -30.64 -0.97
CA ALA A 97 6.78 -31.80 -0.85
C ALA A 97 7.72 -31.95 -2.04
N LYS A 98 7.21 -31.77 -3.25
CA LYS A 98 8.07 -31.94 -4.42
C LYS A 98 9.12 -30.84 -4.53
N GLU A 99 8.72 -29.58 -4.30
CA GLU A 99 9.68 -28.48 -4.37
C GLU A 99 10.79 -28.65 -3.33
N LEU A 100 10.42 -28.90 -2.07
CA LEU A 100 11.43 -29.11 -1.05
C LEU A 100 12.27 -30.34 -1.35
N SER A 101 11.70 -31.36 -1.98
CA SER A 101 12.48 -32.52 -2.37
C SER A 101 13.52 -32.14 -3.42
N GLN A 102 13.20 -31.21 -4.31
CA GLN A 102 14.15 -30.81 -5.34
C GLN A 102 15.26 -29.92 -4.77
N VAL A 103 14.93 -29.07 -3.80
CA VAL A 103 15.90 -28.11 -3.28
C VAL A 103 16.68 -28.63 -2.07
N GLU A 104 16.18 -29.64 -1.38
CA GLU A 104 16.84 -30.16 -0.19
C GLU A 104 17.12 -31.64 -0.35
N SER A 105 18.30 -32.06 0.11
CA SER A 105 18.66 -33.47 0.15
C SER A 105 17.70 -34.23 1.05
N ASP A 106 16.81 -35.01 0.46
CA ASP A 106 15.86 -35.81 1.22
C ASP A 106 16.61 -36.92 1.95
N TYR A 110 11.12 -36.06 2.20
CA TYR A 110 9.97 -35.46 1.52
C TYR A 110 9.56 -36.25 0.28
N VAL A 111 10.17 -37.42 0.08
CA VAL A 111 9.91 -38.20 -1.12
C VAL A 111 8.48 -38.75 -1.07
N ILE A 112 7.72 -38.48 -2.13
CA ILE A 112 6.37 -39.00 -2.27
C ILE A 112 6.44 -40.47 -2.68
N SER A 113 5.35 -41.19 -2.45
CA SER A 113 5.26 -42.56 -2.93
C SER A 113 4.98 -42.54 -4.43
N PRO A 114 5.84 -43.14 -5.25
CA PRO A 114 5.67 -43.04 -6.72
C PRO A 114 4.29 -43.42 -7.23
N ASP A 115 3.63 -44.42 -6.62
CA ASP A 115 2.31 -44.81 -7.09
C ASP A 115 1.25 -43.75 -6.81
N ASN A 116 1.57 -42.75 -5.99
CA ASN A 116 0.61 -41.71 -5.63
C ASN A 116 0.55 -40.63 -6.70
N GLN A 117 1.65 -40.39 -7.42
CA GLN A 117 1.74 -39.24 -8.31
C GLN A 117 0.60 -39.18 -9.33
N GLU A 118 0.19 -40.34 -9.87
CA GLU A 118 -0.84 -40.33 -10.91
C GLU A 118 -2.19 -39.85 -10.35
N ILE A 119 -2.59 -40.36 -9.18
CA ILE A 119 -3.73 -39.79 -8.50
C ILE A 119 -3.34 -38.49 -7.81
N GLY A 120 -2.04 -38.30 -7.58
CA GLY A 120 -1.60 -37.14 -6.81
C GLY A 120 -1.67 -35.84 -7.58
N GLU A 121 -1.43 -35.89 -8.88
CA GLU A 121 -1.37 -34.67 -9.67
C GLU A 121 -2.68 -34.36 -10.38
N LYS A 122 -3.63 -35.31 -10.41
CA LYS A 122 -5.02 -34.95 -10.73
C LYS A 122 -5.44 -33.73 -9.93
N LEU A 123 -4.98 -33.63 -8.68
CA LEU A 123 -4.98 -32.42 -7.89
C LEU A 123 -4.60 -31.18 -8.71
N SER A 124 -3.40 -31.20 -9.30
CA SER A 124 -2.97 -30.10 -10.16
C SER A 124 -3.81 -30.01 -11.42
N ASP A 125 -4.43 -31.12 -11.84
CA ASP A 125 -5.32 -31.12 -12.98
C ASP A 125 -6.69 -30.52 -12.68
N ILE A 126 -7.05 -30.35 -11.41
CA ILE A 126 -8.32 -29.71 -11.09
C ILE A 126 -8.21 -28.22 -11.38
N ASP A 127 -7.35 -27.52 -10.63
CA ASP A 127 -7.06 -26.10 -10.79
C ASP A 127 -8.22 -25.20 -10.39
N GLY A 128 -9.25 -25.74 -9.75
CA GLY A 128 -10.41 -24.94 -9.40
C GLY A 128 -11.03 -24.24 -10.59
N ARG A 129 -11.18 -24.96 -11.70
CA ARG A 129 -11.76 -24.37 -12.91
C ARG A 129 -13.09 -23.68 -12.61
N LEU A 130 -13.96 -24.36 -11.86
CA LEU A 130 -15.21 -23.79 -11.40
C LEU A 130 -15.80 -24.60 -10.26
N ASP A 131 -15.80 -24.00 -9.06
CA ASP A 131 -16.43 -24.49 -7.82
C ASP A 131 -16.45 -26.01 -7.67
N TYR A 132 -15.45 -26.68 -8.25
CA TYR A 132 -15.37 -28.13 -8.36
C TYR A 132 -16.69 -28.74 -8.87
N LYS A 137 -17.86 -39.35 -3.06
CA LYS A 137 -16.94 -39.87 -2.06
C LYS A 137 -15.62 -40.20 -2.76
N GLU A 138 -15.67 -40.21 -4.09
CA GLU A 138 -14.48 -40.53 -4.89
C GLU A 138 -13.29 -39.67 -4.50
N LEU A 139 -13.53 -38.41 -4.16
CA LEU A 139 -12.40 -37.53 -3.87
C LEU A 139 -11.88 -37.72 -2.46
N VAL A 140 -12.74 -38.07 -1.51
CA VAL A 140 -12.22 -38.32 -0.17
C VAL A 140 -11.38 -39.59 -0.17
N LEU A 141 -11.77 -40.61 -0.93
CA LEU A 141 -10.93 -41.81 -1.00
C LEU A 141 -9.58 -41.48 -1.62
N ASP A 142 -9.57 -40.59 -2.62
CA ASP A 142 -8.29 -40.16 -3.20
C ASP A 142 -7.47 -39.37 -2.18
N VAL A 143 -8.08 -38.39 -1.52
CA VAL A 143 -7.33 -37.46 -0.68
C VAL A 143 -6.78 -38.15 0.57
N LYS A 144 -7.60 -38.99 1.23
CA LYS A 144 -7.05 -39.79 2.31
C LYS A 144 -5.94 -40.71 1.81
N ARG A 145 -6.16 -41.36 0.66
CA ARG A 145 -5.10 -42.14 0.03
C ARG A 145 -4.05 -41.28 -0.64
N LEU A 146 -4.28 -39.97 -0.71
CA LEU A 146 -3.26 -39.03 -1.13
C LEU A 146 -2.31 -38.71 0.01
N TRP A 147 -2.79 -38.81 1.25
CA TRP A 147 -2.10 -38.22 2.37
C TRP A 147 -0.98 -39.10 2.91
N GLN A 148 -1.12 -40.44 2.85
CA GLN A 148 -0.50 -41.31 3.83
C GLN A 148 1.02 -41.17 3.93
N ASP A 149 1.71 -40.67 2.91
CA ASP A 149 3.15 -40.57 3.04
C ASP A 149 3.49 -39.60 4.16
N PRO A 150 4.51 -39.89 4.97
CA PRO A 150 4.84 -38.97 6.06
C PRO A 150 5.47 -37.68 5.57
N ALA A 151 5.94 -37.70 4.32
CA ALA A 151 6.62 -36.55 3.74
C ALA A 151 5.76 -35.29 3.80
N ILE A 152 4.52 -35.38 3.30
CA ILE A 152 3.71 -34.18 3.21
C ILE A 152 3.24 -33.69 4.58
N GLN A 153 3.32 -34.53 5.62
CA GLN A 153 3.00 -34.03 6.96
C GLN A 153 4.21 -33.44 7.68
N GLU A 154 5.43 -33.76 7.28
CA GLU A 154 6.53 -32.97 7.79
C GLU A 154 6.62 -31.63 7.08
N THR A 155 6.20 -31.57 5.81
CA THR A 155 5.91 -30.29 5.19
C THR A 155 4.76 -29.61 5.90
N TYR A 156 3.80 -30.39 6.39
CA TYR A 156 2.75 -29.84 7.26
C TYR A 156 3.34 -29.43 8.60
N LEU A 157 4.12 -30.31 9.22
CA LEU A 157 4.76 -30.01 10.49
C LEU A 157 5.95 -29.09 10.25
N ARG A 158 5.73 -28.01 9.51
CA ARG A 158 6.75 -27.04 9.19
C ARG A 158 6.81 -25.96 10.25
N PRO A 165 -1.57 -22.38 7.69
CA PRO A 165 -2.99 -22.67 7.93
C PRO A 165 -3.21 -23.80 8.93
N ASP A 166 -3.58 -23.43 10.16
CA ASP A 166 -3.93 -24.40 11.19
C ASP A 166 -5.36 -24.90 10.99
N CYS A 167 -6.23 -24.07 10.43
CA CYS A 167 -7.62 -24.47 10.23
C CYS A 167 -7.73 -25.65 9.27
N ALA A 168 -6.85 -25.72 8.27
CA ALA A 168 -6.98 -26.72 7.22
C ALA A 168 -6.87 -28.14 7.77
N GLN A 169 -6.05 -28.33 8.80
CA GLN A 169 -5.87 -29.67 9.37
C GLN A 169 -7.19 -30.21 9.91
N TYR A 170 -8.02 -29.34 10.47
CA TYR A 170 -9.36 -29.75 10.88
C TYR A 170 -10.06 -30.46 9.72
N PHE A 171 -10.28 -29.74 8.61
CA PHE A 171 -10.90 -30.33 7.43
C PHE A 171 -10.30 -31.69 7.10
N MET A 172 -8.99 -31.84 7.27
CA MET A 172 -8.35 -33.14 7.06
C MET A 172 -8.77 -34.18 8.09
N GLU A 173 -9.49 -33.77 9.14
CA GLU A 173 -10.02 -34.71 10.11
C GLU A 173 -11.49 -35.02 9.90
N ASN A 174 -12.15 -34.35 8.94
CA ASN A 174 -13.59 -34.49 8.75
C ASN A 174 -13.99 -34.78 7.31
N LEU A 175 -13.13 -35.42 6.51
CA LEU A 175 -13.48 -35.62 5.09
C LEU A 175 -14.73 -36.47 4.94
N VAL A 176 -14.74 -37.64 5.58
CA VAL A 176 -15.79 -38.63 5.30
C VAL A 176 -17.16 -38.11 5.69
N ARG A 177 -17.23 -37.17 6.63
CA ARG A 177 -18.51 -36.54 6.94
C ARG A 177 -18.92 -35.57 5.83
N LEU A 178 -17.94 -34.84 5.28
CA LEU A 178 -18.21 -33.96 4.15
C LEU A 178 -18.52 -34.73 2.88
N ALA A 179 -18.07 -35.99 2.80
CA ALA A 179 -18.12 -36.73 1.54
C ALA A 179 -19.55 -36.97 1.08
N GLU A 180 -20.38 -37.53 1.96
CA GLU A 180 -21.65 -38.10 1.54
C GLU A 180 -22.66 -37.01 1.17
N ALA A 181 -23.64 -37.40 0.35
CA ALA A 181 -24.60 -36.44 -0.18
C ALA A 181 -25.40 -35.77 0.93
N GLY A 182 -25.74 -36.52 1.97
CA GLY A 182 -26.43 -35.94 3.11
C GLY A 182 -25.49 -35.18 4.01
N TYR A 183 -24.88 -34.12 3.50
CA TYR A 183 -23.93 -33.32 4.26
C TYR A 183 -24.45 -31.89 4.39
N VAL A 184 -24.53 -31.42 5.62
CA VAL A 184 -24.71 -30.01 5.94
C VAL A 184 -23.57 -29.60 6.85
N PRO A 185 -22.82 -28.54 6.54
CA PRO A 185 -21.69 -28.18 7.39
C PRO A 185 -22.14 -27.76 8.77
N THR A 186 -21.34 -28.13 9.78
CA THR A 186 -21.57 -27.62 11.11
C THR A 186 -21.19 -26.14 11.17
N LYS A 187 -21.60 -25.47 12.24
CA LYS A 187 -21.19 -24.10 12.47
C LYS A 187 -19.67 -23.98 12.50
N GLU A 188 -19.00 -25.00 13.04
CA GLU A 188 -17.54 -25.00 13.08
C GLU A 188 -16.97 -25.09 11.67
N ASP A 189 -17.60 -25.86 10.79
CA ASP A 189 -17.15 -25.94 9.41
C ASP A 189 -17.21 -24.58 8.73
N VAL A 190 -18.23 -23.79 9.07
CA VAL A 190 -18.34 -22.46 8.49
C VAL A 190 -17.23 -21.56 9.00
N LEU A 191 -16.97 -21.59 10.32
CA LEU A 191 -15.93 -20.74 10.89
C LEU A 191 -14.56 -21.11 10.36
N TYR A 192 -14.24 -22.41 10.34
CA TYR A 192 -12.94 -22.85 9.84
C TYR A 192 -12.82 -22.67 8.33
N ALA A 193 -13.93 -22.64 7.60
CA ALA A 193 -13.88 -22.38 6.17
C ALA A 193 -13.23 -21.03 5.90
N ARG A 194 -12.29 -21.01 4.97
CA ARG A 194 -11.53 -19.81 4.64
C ARG A 194 -12.05 -19.22 3.34
N VAL A 195 -12.56 -18.00 3.42
CA VAL A 195 -13.04 -17.26 2.26
C VAL A 195 -12.16 -16.03 2.11
N ARG A 196 -11.53 -15.89 0.94
CA ARG A 196 -10.76 -14.69 0.64
C ARG A 196 -11.71 -13.50 0.54
N THR A 197 -11.46 -12.48 1.36
CA THR A 197 -12.35 -11.33 1.43
C THR A 197 -12.05 -10.39 0.27
N ASN A 198 -13.01 -10.25 -0.64
CA ASN A 198 -12.90 -9.38 -1.79
C ASN A 198 -13.86 -8.21 -1.63
N GLY A 199 -13.33 -6.99 -1.70
CA GLY A 199 -14.19 -5.83 -1.54
C GLY A 199 -14.61 -5.62 -0.10
N VAL A 200 -15.80 -5.06 0.06
CA VAL A 200 -16.40 -4.85 1.36
C VAL A 200 -17.62 -5.75 1.48
N VAL A 201 -17.83 -6.31 2.68
CA VAL A 201 -18.99 -7.13 2.96
C VAL A 201 -19.86 -6.40 3.98
N GLN A 202 -21.10 -6.14 3.59
CA GLN A 202 -22.07 -5.43 4.42
C GLN A 202 -23.07 -6.41 4.99
N ILE A 203 -23.32 -6.33 6.30
CA ILE A 203 -24.37 -7.11 6.92
C ILE A 203 -25.12 -6.22 7.90
N GLN A 204 -26.42 -6.09 7.71
CA GLN A 204 -27.28 -5.31 8.57
C GLN A 204 -28.24 -6.24 9.31
N PHE A 205 -28.26 -6.12 10.63
CA PHE A 205 -28.96 -7.06 11.47
C PHE A 205 -29.21 -6.41 12.82
N SER A 206 -30.27 -6.83 13.49
CA SER A 206 -30.57 -6.33 14.81
C SER A 206 -30.78 -7.50 15.77
N PRO A 207 -30.27 -7.40 17.01
CA PRO A 207 -30.45 -8.46 18.01
C PRO A 207 -31.85 -8.50 18.60
N TYR A 218 -27.73 -0.95 11.61
CA TYR A 218 -26.82 -1.76 12.41
C TYR A 218 -25.96 -2.62 11.48
N ARG A 219 -25.03 -2.00 10.76
CA ARG A 219 -24.29 -2.65 9.70
C ARG A 219 -22.85 -2.95 10.12
N LEU A 220 -22.35 -4.12 9.74
CA LEU A 220 -20.99 -4.53 10.00
C LEU A 220 -20.24 -4.69 8.69
N TYR A 221 -19.04 -4.12 8.62
CA TYR A 221 -18.22 -4.12 7.41
C TYR A 221 -16.92 -4.89 7.66
N ASP A 222 -16.47 -5.62 6.65
CA ASP A 222 -15.18 -6.29 6.70
C ASP A 222 -14.53 -6.22 5.33
N VAL A 223 -13.22 -6.00 5.31
CA VAL A 223 -12.47 -5.87 4.07
C VAL A 223 -11.36 -6.90 4.00
N VAL A 240 -18.41 6.02 10.07
CA VAL A 240 -18.38 4.82 10.90
C VAL A 240 -18.43 5.19 12.37
N ASN A 241 -19.33 4.57 13.13
CA ASN A 241 -19.52 4.89 14.54
C ASN A 241 -18.62 4.08 15.46
N ALA A 242 -18.12 2.93 15.02
CA ALA A 242 -17.31 2.08 15.88
C ALA A 242 -16.31 1.31 15.03
N VAL A 243 -15.07 1.25 15.51
CA VAL A 243 -14.02 0.44 14.89
C VAL A 243 -13.68 -0.70 15.84
N ILE A 244 -13.88 -1.93 15.37
CA ILE A 244 -13.45 -3.11 16.10
C ILE A 244 -12.06 -3.49 15.60
N PHE A 245 -11.06 -3.38 16.48
CA PHE A 245 -9.69 -3.74 16.14
C PHE A 245 -9.39 -5.11 16.73
N CYS A 246 -9.02 -6.05 15.87
CA CYS A 246 -8.69 -7.41 16.28
C CYS A 246 -7.19 -7.55 16.40
N ALA A 247 -6.71 -7.85 17.61
CA ALA A 247 -5.30 -8.09 17.90
C ALA A 247 -5.15 -9.49 18.47
N ALA A 248 -4.49 -10.38 17.72
CA ALA A 248 -4.36 -11.79 18.09
C ALA A 248 -3.18 -11.93 19.04
N ILE A 249 -3.43 -11.70 20.34
CA ILE A 249 -2.37 -11.66 21.34
C ILE A 249 -1.49 -12.90 21.27
N SER A 250 -2.04 -14.02 20.82
CA SER A 250 -1.25 -15.25 20.72
C SER A 250 -0.12 -15.12 19.72
N GLU A 251 -0.21 -14.19 18.77
CA GLU A 251 0.79 -14.02 17.72
C GLU A 251 2.11 -13.46 18.23
N TYR A 252 2.33 -13.33 19.55
CA TYR A 252 3.59 -12.75 20.03
C TYR A 252 4.78 -13.64 19.72
N ASP A 253 4.57 -14.96 19.75
CA ASP A 253 5.61 -15.89 19.32
C ASP A 253 5.97 -15.65 17.87
N GLN A 254 4.95 -15.57 17.00
CA GLN A 254 5.14 -15.79 15.57
C GLN A 254 5.74 -14.58 14.87
N MET A 255 6.66 -14.85 13.94
CA MET A 255 7.04 -13.88 12.94
C MET A 255 5.93 -13.77 11.89
N LEU A 256 6.00 -12.72 11.07
CA LEU A 256 5.04 -12.57 10.00
C LEU A 256 5.18 -13.72 9.01
N PHE A 257 4.03 -14.25 8.56
CA PHE A 257 4.03 -15.22 7.48
C PHE A 257 4.65 -14.62 6.22
N GLU A 258 4.31 -13.36 5.94
CA GLU A 258 4.84 -12.69 4.76
C GLU A 258 6.32 -12.34 4.93
N ASP A 259 6.72 -11.98 6.15
CA ASP A 259 8.07 -11.50 6.42
C ASP A 259 8.61 -12.23 7.64
N GLU A 260 9.65 -13.05 7.44
CA GLU A 260 10.21 -13.81 8.55
C GLU A 260 11.00 -12.94 9.51
N THR A 261 11.46 -11.76 9.07
CA THR A 261 12.18 -10.86 9.98
C THR A 261 11.23 -10.24 11.01
N LYS A 262 10.08 -9.76 10.54
CA LYS A 262 9.16 -9.00 11.38
C LYS A 262 8.37 -9.91 12.31
N ASN A 263 7.94 -9.34 13.43
CA ASN A 263 7.11 -10.02 14.42
C ASN A 263 5.69 -9.47 14.32
N ARG A 264 4.69 -10.37 14.36
CA ARG A 264 3.32 -9.94 14.15
C ARG A 264 2.79 -9.09 15.30
N MET A 265 3.20 -9.38 16.54
CA MET A 265 2.84 -8.50 17.65
C MET A 265 3.36 -7.09 17.44
N MET A 266 4.58 -6.97 16.91
CA MET A 266 5.12 -5.66 16.61
C MET A 266 4.34 -5.00 15.48
N GLU A 267 3.96 -5.78 14.47
CA GLU A 267 3.14 -5.25 13.39
C GLU A 267 1.75 -4.89 13.86
N THR A 268 1.22 -5.63 14.85
CA THR A 268 -0.04 -5.24 15.47
C THR A 268 0.10 -3.90 16.18
N LYS A 269 1.20 -3.70 16.91
CA LYS A 269 1.46 -2.43 17.56
C LYS A 269 1.62 -1.31 16.53
N GLU A 270 2.36 -1.58 15.45
CA GLU A 270 2.52 -0.61 14.38
C GLU A 270 1.16 -0.25 13.77
N LEU A 271 0.36 -1.27 13.44
CA LEU A 271 -0.94 -1.01 12.84
C LEU A 271 -1.87 -0.29 13.81
N PHE A 272 -1.98 -0.80 15.03
CA PHE A 272 -2.82 -0.18 16.05
C PHE A 272 -2.48 1.30 16.21
N ASP A 273 -1.20 1.60 16.39
CA ASP A 273 -0.76 2.98 16.53
C ASP A 273 -1.13 3.80 15.30
N TRP A 274 -0.92 3.23 14.10
CA TRP A 274 -1.19 3.97 12.88
C TRP A 274 -2.68 4.29 12.73
N VAL A 275 -3.55 3.34 13.10
CA VAL A 275 -4.98 3.59 13.03
C VAL A 275 -5.38 4.67 14.02
N LEU A 276 -4.82 4.65 15.23
CA LEU A 276 -5.17 5.63 16.25
C LEU A 276 -4.78 7.04 15.83
N LYS A 277 -3.69 7.18 15.07
CA LYS A 277 -3.17 8.50 14.72
C LYS A 277 -3.97 9.19 13.63
N GLN A 278 -4.69 8.44 12.79
CA GLN A 278 -5.29 9.04 11.61
C GLN A 278 -6.50 9.88 11.96
N ARG A 279 -6.68 10.97 11.20
CA ARG A 279 -7.67 11.98 11.47
C ARG A 279 -9.09 11.58 11.07
N CYS A 280 -9.26 10.45 10.39
CA CYS A 280 -10.57 10.07 9.87
C CYS A 280 -11.38 9.21 10.83
N PHE A 281 -10.77 8.68 11.89
CA PHE A 281 -11.49 7.90 12.89
C PHE A 281 -11.54 8.60 14.24
N GLU A 282 -11.20 9.90 14.30
CA GLU A 282 -11.32 10.65 15.55
C GLU A 282 -12.74 10.59 16.09
N LYS A 283 -13.72 10.80 15.21
CA LYS A 283 -15.11 10.75 15.62
C LYS A 283 -15.53 9.36 16.05
N THR A 284 -14.86 8.33 15.55
CA THR A 284 -15.31 6.96 15.70
C THR A 284 -14.94 6.40 17.08
N SER A 285 -15.86 5.65 17.68
CA SER A 285 -15.60 4.95 18.93
C SER A 285 -14.76 3.69 18.66
N PHE A 286 -13.95 3.32 19.64
CA PHE A 286 -12.97 2.25 19.46
C PHE A 286 -13.23 1.10 20.42
N ILE A 287 -13.30 -0.10 19.86
CA ILE A 287 -13.45 -1.34 20.62
C ILE A 287 -12.32 -2.27 20.21
N LEU A 288 -11.60 -2.79 21.20
CA LEU A 288 -10.40 -3.59 20.95
C LEU A 288 -10.63 -5.02 21.40
N PHE A 289 -10.33 -5.97 20.50
CA PHE A 289 -10.45 -7.39 20.77
C PHE A 289 -9.06 -8.00 20.89
N LEU A 290 -8.80 -8.68 22.01
CA LEU A 290 -7.57 -9.42 22.22
C LEU A 290 -7.88 -10.89 21.95
N ASN A 291 -7.60 -11.33 20.73
CA ASN A 291 -8.12 -12.58 20.20
C ASN A 291 -7.16 -13.74 20.45
N LYS A 292 -7.64 -14.94 20.12
CA LYS A 292 -6.85 -16.17 20.24
C LYS A 292 -6.35 -16.38 21.66
N PHE A 293 -7.21 -16.03 22.63
CA PHE A 293 -6.85 -16.17 24.03
C PHE A 293 -6.68 -17.64 24.42
N ASP A 294 -7.45 -18.55 23.81
CA ASP A 294 -7.29 -19.96 24.09
C ASP A 294 -5.89 -20.44 23.74
N ILE A 295 -5.34 -19.96 22.62
CA ILE A 295 -3.96 -20.27 22.28
C ILE A 295 -3.02 -19.65 23.31
N CYS A 296 -3.39 -18.48 23.84
CA CYS A 296 -2.55 -17.83 24.84
C CYS A 296 -2.44 -18.66 26.11
N GLU A 297 -3.56 -19.19 26.60
CA GLU A 297 -3.52 -19.99 27.82
C GLU A 297 -2.83 -21.33 27.59
N LYS A 298 -2.90 -21.87 26.36
CA LYS A 298 -2.17 -23.08 26.03
C LYS A 298 -0.67 -22.81 25.91
N LYS A 299 -0.31 -21.75 25.19
CA LYS A 299 1.08 -21.53 24.80
C LYS A 299 1.93 -20.90 25.89
N ILE A 300 1.31 -20.12 26.79
CA ILE A 300 2.09 -19.33 27.75
C ILE A 300 2.92 -20.21 28.66
N GLN A 301 2.44 -21.41 28.99
CA GLN A 301 3.14 -22.25 29.96
C GLN A 301 4.42 -22.87 29.41
N LYS A 302 4.72 -22.69 28.13
CA LYS A 302 5.91 -23.26 27.53
C LYS A 302 6.85 -22.24 26.92
N VAL A 303 6.33 -21.25 26.22
CA VAL A 303 7.15 -20.18 25.62
C VAL A 303 7.00 -18.94 26.48
N PRO A 304 8.10 -18.31 26.91
CA PRO A 304 7.97 -17.10 27.73
C PRO A 304 7.42 -15.94 26.91
N LEU A 305 6.62 -15.10 27.57
CA LEU A 305 6.08 -13.92 26.93
C LEU A 305 7.13 -12.83 26.74
N SER A 306 8.28 -12.94 27.42
CA SER A 306 9.35 -11.96 27.31
C SER A 306 10.12 -12.06 25.99
N VAL A 307 9.77 -12.99 25.11
CA VAL A 307 10.40 -13.05 23.78
C VAL A 307 10.14 -11.76 23.03
N CYS A 308 8.92 -11.21 23.15
CA CYS A 308 8.57 -9.99 22.43
C CYS A 308 9.32 -8.80 23.00
N GLU A 309 9.81 -7.94 22.09
CA GLU A 309 10.44 -6.70 22.53
C GLU A 309 9.45 -5.81 23.26
N TRP A 310 8.18 -5.83 22.84
CA TRP A 310 7.15 -5.10 23.55
C TRP A 310 6.94 -5.65 24.96
N PHE A 311 7.02 -6.97 25.10
CA PHE A 311 6.75 -7.64 26.37
C PHE A 311 8.03 -8.15 27.03
N LYS A 312 9.18 -7.58 26.68
CA LYS A 312 10.44 -7.98 27.31
C LYS A 312 10.46 -7.61 28.79
N ASP A 313 9.69 -6.60 29.20
CA ASP A 313 9.62 -6.23 30.60
C ASP A 313 9.10 -7.37 31.46
N TYR A 314 8.36 -8.29 30.85
CA TYR A 314 7.57 -9.26 31.59
C TYR A 314 8.44 -10.23 32.37
N GLN A 315 8.06 -10.48 33.62
CA GLN A 315 8.62 -11.45 34.54
C GLN A 315 7.46 -11.95 35.40
N PRO A 316 7.07 -13.22 35.29
CA PRO A 316 5.90 -13.70 36.02
C PRO A 316 6.11 -13.75 37.53
N ILE A 317 5.08 -14.17 38.25
CA ILE A 317 5.17 -14.36 39.69
C ILE A 317 5.73 -15.75 39.97
N GLU A 323 -0.77 -15.69 37.32
CA GLU A 323 -0.44 -16.39 36.08
C GLU A 323 -1.20 -15.81 34.87
N VAL A 324 -1.86 -16.68 34.11
CA VAL A 324 -2.49 -16.36 32.83
C VAL A 324 -3.19 -15.01 32.84
N GLU A 325 -4.02 -14.75 33.85
CA GLU A 325 -4.75 -13.48 33.89
C GLU A 325 -3.78 -12.30 34.00
N HIS A 326 -2.74 -12.44 34.81
CA HIS A 326 -1.77 -11.35 34.93
C HIS A 326 -1.05 -11.11 33.61
N ALA A 327 -0.53 -12.18 32.98
CA ALA A 327 0.12 -12.05 31.68
C ALA A 327 -0.82 -11.39 30.67
N TYR A 328 -2.09 -11.80 30.68
CA TYR A 328 -3.08 -11.18 29.82
C TYR A 328 -3.25 -9.70 30.15
N GLU A 329 -3.40 -9.39 31.45
CA GLU A 329 -3.50 -7.98 31.85
C GLU A 329 -2.21 -7.23 31.59
N PHE A 330 -1.06 -7.92 31.61
CA PHE A 330 0.19 -7.28 31.20
C PHE A 330 0.07 -6.79 29.77
N VAL A 331 -0.27 -7.69 28.84
CA VAL A 331 -0.52 -7.31 27.45
C VAL A 331 -1.51 -6.15 27.40
N LYS A 332 -2.51 -6.16 28.27
CA LYS A 332 -3.43 -5.02 28.33
C LYS A 332 -2.70 -3.74 28.66
N LYS A 333 -1.88 -3.76 29.71
CA LYS A 333 -1.11 -2.58 30.08
C LYS A 333 -0.46 -1.98 28.84
N LYS A 334 0.35 -2.78 28.14
CA LYS A 334 0.97 -2.33 26.91
C LYS A 334 -0.04 -1.75 25.94
N PHE A 335 -1.14 -2.47 25.70
CA PHE A 335 -2.16 -1.97 24.78
C PHE A 335 -2.82 -0.70 25.32
N GLU A 336 -3.00 -0.61 26.64
CA GLU A 336 -3.50 0.62 27.24
C GLU A 336 -2.53 1.78 27.00
N GLU A 337 -1.41 1.80 27.73
CA GLU A 337 -0.43 2.88 27.63
C GLU A 337 -0.12 3.28 26.18
N LEU A 338 -0.10 2.30 25.26
CA LEU A 338 0.06 2.63 23.84
C LEU A 338 -1.08 3.52 23.37
N TYR A 339 -2.33 3.17 23.72
CA TYR A 339 -3.46 3.98 23.27
C TYR A 339 -3.37 5.40 23.84
N PHE A 340 -3.15 5.52 25.16
CA PHE A 340 -3.23 6.83 25.79
C PHE A 340 -2.10 7.77 25.38
N GLN A 341 -0.95 7.26 24.95
CA GLN A 341 0.11 8.15 24.48
C GLN A 341 -0.38 9.00 23.31
N SER A 342 -1.28 8.47 22.49
CA SER A 342 -1.97 9.32 21.54
C SER A 342 -2.95 10.22 22.29
N SER A 343 -2.44 11.08 23.16
CA SER A 343 -3.26 11.88 24.06
C SER A 343 -3.42 13.28 23.48
N LYS A 344 -4.63 13.61 23.08
CA LYS A 344 -5.01 14.98 22.75
C LYS A 344 -6.04 15.47 23.76
N PRO A 345 -5.91 16.71 24.25
CA PRO A 345 -6.68 17.26 25.38
C PRO A 345 -8.18 16.98 25.34
N ARG A 350 -11.53 10.29 24.37
CA ARG A 350 -12.97 10.18 24.13
C ARG A 350 -13.50 8.82 24.60
N VAL A 351 -13.53 7.85 23.68
CA VAL A 351 -14.19 6.57 23.91
C VAL A 351 -13.19 5.45 23.65
N PHE A 352 -13.07 4.53 24.60
CA PHE A 352 -12.18 3.39 24.48
C PHE A 352 -12.73 2.20 25.25
N LYS A 353 -12.64 1.02 24.63
CA LYS A 353 -13.06 -0.23 25.24
C LYS A 353 -12.12 -1.34 24.78
N ILE A 354 -11.91 -2.33 25.66
CA ILE A 354 -11.07 -3.49 25.38
C ILE A 354 -11.86 -4.74 25.75
N TYR A 355 -11.71 -5.80 24.95
CA TYR A 355 -12.45 -7.04 25.17
C TYR A 355 -11.54 -8.25 25.04
N ARG A 356 -11.66 -9.15 26.01
CA ARG A 356 -11.03 -10.47 25.98
C ARG A 356 -11.90 -11.38 25.13
N THR A 357 -11.40 -11.77 23.96
CA THR A 357 -12.22 -12.50 23.01
C THR A 357 -11.52 -13.76 22.52
N THR A 358 -12.32 -14.81 22.36
CA THR A 358 -11.98 -15.96 21.53
C THR A 358 -12.95 -15.97 20.34
N ALA A 359 -12.41 -15.83 19.14
CA ALA A 359 -13.27 -15.70 17.97
C ALA A 359 -13.78 -17.04 17.46
N LEU A 360 -13.03 -18.12 17.69
CA LEU A 360 -13.39 -19.41 17.11
C LEU A 360 -14.44 -20.15 17.93
N ASP A 361 -14.69 -19.74 19.17
CA ASP A 361 -15.84 -20.24 19.91
C ASP A 361 -16.94 -19.19 19.87
N GLN A 362 -18.19 -19.65 19.89
CA GLN A 362 -19.32 -18.76 20.00
C GLN A 362 -20.04 -19.01 21.32
N LYS A 363 -20.59 -17.94 21.86
CA LYS A 363 -21.07 -17.86 23.24
C LYS A 363 -19.93 -18.04 24.24
N LEU A 364 -18.73 -17.66 23.82
CA LEU A 364 -18.07 -16.56 24.51
C LEU A 364 -18.44 -15.26 23.80
N VAL A 365 -18.48 -15.31 22.46
CA VAL A 365 -18.49 -14.09 21.64
C VAL A 365 -19.84 -13.39 21.71
N LYS A 366 -20.94 -14.15 21.76
CA LYS A 366 -22.25 -13.53 21.90
C LYS A 366 -22.22 -12.50 23.02
N LYS A 367 -21.65 -12.89 24.17
CA LYS A 367 -21.53 -11.99 25.30
C LYS A 367 -20.90 -10.67 24.87
N THR A 368 -19.73 -10.73 24.23
CA THR A 368 -19.04 -9.52 23.79
C THR A 368 -19.96 -8.59 23.02
N PHE A 369 -20.72 -9.13 22.07
CA PHE A 369 -21.65 -8.27 21.34
C PHE A 369 -22.76 -7.76 22.24
N LYS A 370 -23.32 -8.62 23.10
CA LYS A 370 -24.31 -8.14 24.06
C LYS A 370 -23.78 -6.94 24.84
N LEU A 371 -22.55 -7.04 25.32
CA LEU A 371 -21.98 -5.97 26.13
C LEU A 371 -21.75 -4.68 25.33
N ILE A 372 -21.30 -4.76 24.07
CA ILE A 372 -21.05 -3.48 23.41
C ILE A 372 -22.33 -2.90 22.80
N ASP A 373 -23.28 -3.73 22.35
CA ASP A 373 -24.48 -3.16 21.76
C ASP A 373 -25.37 -2.47 22.81
N GLU A 374 -25.41 -3.02 24.03
CA GLU A 374 -26.04 -2.28 25.12
C GLU A 374 -25.20 -1.06 25.50
N SER A 375 -23.88 -1.15 25.36
CA SER A 375 -23.02 -0.03 25.71
C SER A 375 -23.11 1.10 24.69
N MET A 376 -23.44 0.76 23.43
CA MET A 376 -23.58 1.78 22.40
C MET A 376 -24.87 2.57 22.59
N ARG A 377 -24.99 3.23 23.73
CA ARG A 377 -26.09 4.14 23.98
C ARG A 377 -25.86 5.44 23.19
N ARG A 378 -26.79 6.38 23.33
CA ARG A 378 -26.70 7.70 22.68
C ARG A 378 -26.55 7.60 21.17
N ILE B 42 -41.52 -7.35 2.48
CA ILE B 42 -41.75 -6.59 1.26
C ILE B 42 -40.44 -6.34 0.52
N HIS B 43 -39.32 -6.37 1.25
CA HIS B 43 -38.06 -5.84 0.72
C HIS B 43 -37.19 -6.87 0.00
N LYS B 44 -37.36 -8.16 0.25
CA LYS B 44 -36.41 -9.15 -0.23
C LYS B 44 -36.67 -9.52 -1.69
N LEU B 45 -35.57 -9.63 -2.46
CA LEU B 45 -35.61 -10.00 -3.87
C LEU B 45 -34.59 -11.11 -4.11
N LEU B 46 -34.94 -12.07 -4.97
CA LEU B 46 -34.08 -13.22 -5.23
C LEU B 46 -33.69 -13.29 -6.71
N LEU B 47 -32.42 -13.54 -6.97
CA LEU B 47 -31.87 -13.62 -8.32
C LEU B 47 -31.59 -15.09 -8.66
N LEU B 48 -32.21 -15.57 -9.73
CA LEU B 48 -32.07 -16.96 -10.14
C LEU B 48 -31.78 -17.04 -11.63
N GLY B 49 -30.76 -17.81 -12.00
CA GLY B 49 -30.38 -17.98 -13.39
C GLY B 49 -29.48 -19.19 -13.53
N ALA B 50 -29.02 -19.41 -14.76
CA ALA B 50 -28.19 -20.56 -15.10
C ALA B 50 -26.83 -20.09 -15.60
N GLY B 51 -25.77 -20.58 -14.97
CA GLY B 51 -24.42 -20.32 -15.45
C GLY B 51 -24.10 -18.84 -15.50
N GLU B 52 -23.72 -18.37 -16.68
CA GLU B 52 -23.39 -16.96 -16.90
C GLU B 52 -24.63 -16.18 -17.33
N SER B 53 -25.66 -16.24 -16.48
CA SER B 53 -26.90 -15.55 -16.77
C SER B 53 -26.81 -14.05 -16.59
N GLY B 54 -25.80 -13.56 -15.86
CA GLY B 54 -25.65 -12.15 -15.59
C GLY B 54 -26.23 -11.68 -14.28
N LYS B 55 -26.61 -12.59 -13.38
CA LYS B 55 -27.14 -12.17 -12.09
C LYS B 55 -26.09 -11.40 -11.30
N SER B 56 -24.84 -11.87 -11.33
CA SER B 56 -23.76 -11.18 -10.63
C SER B 56 -23.52 -9.79 -11.19
N THR B 57 -23.67 -9.61 -12.50
CA THR B 57 -23.52 -8.29 -13.09
C THR B 57 -24.64 -7.36 -12.63
N ILE B 58 -25.90 -7.80 -12.73
CA ILE B 58 -27.01 -7.07 -12.14
C ILE B 58 -26.70 -6.75 -10.68
N PHE B 59 -26.34 -7.78 -9.92
CA PHE B 59 -25.93 -7.64 -8.53
C PHE B 59 -24.98 -6.47 -8.34
N LYS B 60 -23.84 -6.51 -9.05
CA LYS B 60 -22.81 -5.49 -8.86
C LYS B 60 -23.33 -4.10 -9.20
N GLN B 61 -24.34 -4.01 -10.07
CA GLN B 61 -24.87 -2.72 -10.47
C GLN B 61 -25.79 -2.10 -9.45
N ILE B 62 -26.50 -2.94 -8.70
CA ILE B 62 -27.26 -2.42 -7.56
C ILE B 62 -26.32 -1.86 -6.51
N LYS B 63 -25.10 -2.40 -6.43
CA LYS B 63 -24.10 -1.83 -5.53
C LYS B 63 -23.73 -0.41 -5.95
N LEU B 64 -23.64 -0.16 -7.25
CA LEU B 64 -23.47 1.21 -7.74
C LEU B 64 -24.76 1.99 -7.60
N ALA B 73 -16.61 4.79 -3.11
CA ALA B 73 -15.21 4.74 -2.70
C ALA B 73 -14.81 3.31 -2.34
N GLU B 74 -15.72 2.38 -2.56
CA GLU B 74 -15.49 0.96 -2.29
C GLU B 74 -14.88 0.25 -3.49
N LEU B 75 -14.65 0.98 -4.58
CA LEU B 75 -14.09 0.36 -5.79
C LEU B 75 -12.67 -0.13 -5.54
N ARG B 76 -11.89 0.62 -4.77
CA ARG B 76 -10.47 0.29 -4.57
C ARG B 76 -10.28 -1.05 -3.89
N SER B 77 -11.25 -1.46 -3.08
CA SER B 77 -11.18 -2.76 -2.42
C SER B 77 -11.12 -3.88 -3.44
N TYR B 78 -11.58 -3.61 -4.67
CA TYR B 78 -11.56 -4.59 -5.74
C TYR B 78 -10.27 -4.60 -6.57
N THR B 79 -9.36 -3.62 -6.44
CA THR B 79 -8.13 -3.63 -7.25
C THR B 79 -7.42 -4.99 -7.19
N SER B 80 -7.19 -5.52 -6.00
CA SER B 80 -6.48 -6.79 -5.87
C SER B 80 -7.22 -7.89 -6.65
N VAL B 81 -8.54 -7.93 -6.52
CA VAL B 81 -9.32 -8.98 -7.19
C VAL B 81 -9.27 -8.79 -8.70
N ILE B 82 -9.22 -7.54 -9.17
CA ILE B 82 -9.11 -7.29 -10.60
C ILE B 82 -7.72 -7.69 -11.09
N HIS B 83 -6.68 -7.31 -10.34
CA HIS B 83 -5.33 -7.74 -10.67
C HIS B 83 -5.22 -9.26 -10.65
N ALA B 84 -5.90 -9.90 -9.70
CA ALA B 84 -5.94 -11.36 -9.68
C ALA B 84 -6.55 -11.91 -10.96
N ASN B 85 -7.56 -11.21 -11.50
CA ASN B 85 -8.17 -11.65 -12.74
C ASN B 85 -7.16 -11.69 -13.87
N VAL B 86 -6.29 -10.68 -13.96
CA VAL B 86 -5.27 -10.63 -15.00
C VAL B 86 -4.52 -11.95 -15.10
N TYR B 87 -4.33 -12.62 -13.96
CA TYR B 87 -3.50 -13.82 -13.93
C TYR B 87 -4.23 -15.04 -14.50
N GLN B 88 -5.38 -15.41 -13.93
CA GLN B 88 -6.03 -16.63 -14.41
C GLN B 88 -6.47 -16.53 -15.86
N THR B 89 -6.62 -15.32 -16.41
CA THR B 89 -6.84 -15.19 -17.84
C THR B 89 -5.63 -15.66 -18.64
N ILE B 90 -4.43 -15.14 -18.33
CA ILE B 90 -3.25 -15.62 -19.05
C ILE B 90 -2.81 -16.99 -18.57
N LYS B 91 -3.01 -17.29 -17.28
CA LYS B 91 -2.49 -18.53 -16.73
C LYS B 91 -3.10 -19.74 -17.42
N ILE B 92 -4.43 -19.77 -17.54
CA ILE B 92 -5.09 -20.87 -18.23
C ILE B 92 -4.71 -20.88 -19.71
N LEU B 93 -4.52 -19.70 -20.29
CA LEU B 93 -4.11 -19.63 -21.69
C LEU B 93 -2.73 -20.23 -21.88
N TYR B 94 -1.79 -19.89 -20.98
CA TYR B 94 -0.47 -20.50 -21.03
C TYR B 94 -0.55 -22.02 -20.90
N GLU B 95 -1.21 -22.48 -19.83
CA GLU B 95 -1.37 -23.92 -19.63
C GLU B 95 -2.11 -24.56 -20.79
N GLY B 96 -3.14 -23.88 -21.30
CA GLY B 96 -3.89 -24.42 -22.42
C GLY B 96 -3.04 -24.56 -23.68
N ALA B 97 -2.14 -23.61 -23.91
CA ALA B 97 -1.24 -23.70 -25.05
C ALA B 97 -0.39 -24.96 -24.98
N LYS B 98 0.13 -25.27 -23.78
CA LYS B 98 1.02 -26.41 -23.62
C LYS B 98 0.27 -27.72 -23.83
N GLU B 99 -0.89 -27.88 -23.20
CA GLU B 99 -1.65 -29.11 -23.39
C GLU B 99 -2.05 -29.30 -24.84
N LEU B 100 -2.52 -28.23 -25.50
CA LEU B 100 -2.84 -28.31 -26.91
C LEU B 100 -1.60 -28.59 -27.75
N SER B 101 -0.47 -27.98 -27.38
CA SER B 101 0.79 -28.27 -28.07
C SER B 101 1.12 -29.76 -27.98
N GLN B 102 0.81 -30.39 -26.85
CA GLN B 102 1.06 -31.81 -26.70
C GLN B 102 -0.05 -32.65 -27.31
N VAL B 103 -1.30 -32.20 -27.20
CA VAL B 103 -2.42 -33.06 -27.58
C VAL B 103 -2.66 -33.06 -29.09
N GLU B 104 -2.41 -31.95 -29.78
CA GLU B 104 -2.75 -31.83 -31.19
C GLU B 104 -1.48 -31.67 -32.04
N SER B 105 -1.50 -32.31 -33.21
CA SER B 105 -0.37 -32.27 -34.15
C SER B 105 -0.38 -30.94 -34.89
N ASP B 106 -0.05 -29.89 -34.14
CA ASP B 106 0.01 -28.55 -34.71
C ASP B 106 1.16 -28.43 -35.70
N SER B 107 2.29 -29.08 -35.41
CA SER B 107 3.43 -29.25 -36.32
C SER B 107 3.96 -27.94 -36.91
N SER B 108 4.11 -26.88 -36.09
CA SER B 108 3.75 -26.56 -34.71
C SER B 108 3.14 -25.17 -34.66
N LYS B 109 1.90 -25.13 -34.17
CA LYS B 109 1.06 -23.94 -34.08
C LYS B 109 1.02 -23.37 -32.66
N TYR B 110 0.87 -24.25 -31.67
CA TYR B 110 0.63 -23.87 -30.28
C TYR B 110 1.91 -23.75 -29.46
N VAL B 111 3.08 -23.95 -30.06
CA VAL B 111 4.32 -23.89 -29.31
C VAL B 111 4.53 -22.47 -28.79
N ILE B 112 5.00 -22.37 -27.56
CA ILE B 112 5.22 -21.09 -26.90
C ILE B 112 6.61 -20.61 -27.26
N SER B 113 6.79 -19.29 -27.33
CA SER B 113 8.11 -18.74 -27.63
C SER B 113 9.06 -19.01 -26.46
N PRO B 114 10.31 -19.36 -26.75
CA PRO B 114 11.25 -19.65 -25.66
C PRO B 114 11.47 -18.49 -24.71
N ASP B 115 11.36 -17.24 -25.19
CA ASP B 115 11.54 -16.12 -24.29
C ASP B 115 10.36 -15.95 -23.34
N ASN B 116 9.23 -16.60 -23.62
CA ASN B 116 8.01 -16.43 -22.84
C ASN B 116 7.68 -17.62 -21.95
N GLN B 117 8.63 -18.54 -21.72
CA GLN B 117 8.34 -19.70 -20.89
C GLN B 117 8.85 -19.57 -19.46
N GLU B 118 10.01 -18.95 -19.24
CA GLU B 118 10.45 -18.66 -17.88
C GLU B 118 9.51 -17.68 -17.21
N ILE B 119 9.25 -16.55 -17.87
CA ILE B 119 8.13 -15.68 -17.52
C ILE B 119 6.82 -16.45 -17.54
N GLY B 120 6.70 -17.40 -18.47
CA GLY B 120 5.48 -18.19 -18.60
C GLY B 120 5.23 -19.18 -17.48
N GLU B 121 6.22 -19.44 -16.63
CA GLU B 121 6.02 -20.31 -15.48
C GLU B 121 6.46 -19.65 -14.17
N LYS B 122 6.76 -18.36 -14.19
CA LYS B 122 6.79 -17.61 -12.93
C LYS B 122 5.39 -17.35 -12.39
N LEU B 123 4.37 -17.52 -13.24
CA LEU B 123 2.99 -17.45 -12.78
C LEU B 123 2.66 -18.50 -11.73
N SER B 124 3.34 -19.64 -11.77
CA SER B 124 2.99 -20.76 -10.91
C SER B 124 3.47 -20.55 -9.48
N TYR B 132 -0.67 -11.53 -4.04
CA TYR B 132 0.64 -11.08 -4.52
C TYR B 132 0.59 -9.86 -5.47
N PRO B 133 -0.46 -9.74 -6.32
CA PRO B 133 -0.43 -8.50 -7.11
C PRO B 133 -0.50 -7.20 -6.28
N LEU B 135 2.47 -3.55 -7.72
CA LEU B 135 2.31 -3.68 -9.17
C LEU B 135 1.90 -2.35 -9.81
N ASN B 136 2.51 -2.04 -10.97
CA ASN B 136 3.35 -2.98 -11.69
C ASN B 136 4.46 -2.26 -12.47
N LYS B 137 4.34 -2.30 -13.80
CA LYS B 137 5.21 -1.71 -14.82
C LYS B 137 6.49 -2.53 -15.02
N GLU B 138 6.75 -3.55 -14.21
CA GLU B 138 7.71 -4.59 -14.55
C GLU B 138 7.02 -5.83 -15.13
N LEU B 139 6.00 -6.32 -14.43
CA LEU B 139 5.29 -7.53 -14.81
C LEU B 139 4.24 -7.28 -15.89
N VAL B 140 3.88 -6.02 -16.13
CA VAL B 140 2.96 -5.72 -17.23
C VAL B 140 3.57 -6.13 -18.56
N LEU B 141 4.82 -5.74 -18.78
CA LEU B 141 5.56 -6.26 -19.91
C LEU B 141 5.48 -7.78 -19.93
N ASP B 142 5.49 -8.42 -18.77
CA ASP B 142 5.46 -9.89 -18.73
C ASP B 142 4.12 -10.43 -19.22
N VAL B 143 3.01 -10.03 -18.59
CA VAL B 143 1.73 -10.55 -19.04
C VAL B 143 1.43 -10.09 -20.47
N LYS B 144 1.91 -8.90 -20.85
CA LYS B 144 1.68 -8.43 -22.22
C LYS B 144 2.55 -9.17 -23.23
N ARG B 145 3.84 -9.38 -22.93
CA ARG B 145 4.69 -10.11 -23.87
C ARG B 145 4.26 -11.56 -24.03
N LEU B 146 3.58 -12.13 -23.03
CA LEU B 146 2.90 -13.40 -23.25
C LEU B 146 1.63 -13.20 -24.06
N TRP B 147 0.92 -12.10 -23.83
CA TRP B 147 -0.30 -11.81 -24.58
C TRP B 147 -0.03 -11.59 -26.06
N GLN B 148 1.15 -11.08 -26.42
CA GLN B 148 1.47 -10.88 -27.82
C GLN B 148 1.95 -12.14 -28.50
N ASP B 149 2.37 -13.14 -27.73
CA ASP B 149 2.85 -14.39 -28.31
C ASP B 149 1.75 -15.01 -29.17
N PRO B 150 2.09 -15.55 -30.34
CA PRO B 150 1.05 -16.15 -31.20
C PRO B 150 0.33 -17.31 -30.54
N ALA B 151 1.04 -18.12 -29.74
CA ALA B 151 0.41 -19.29 -29.14
C ALA B 151 -0.67 -18.91 -28.14
N ILE B 152 -0.52 -17.77 -27.45
CA ILE B 152 -1.50 -17.42 -26.43
C ILE B 152 -2.82 -16.99 -27.07
N GLN B 153 -2.77 -16.34 -28.24
CA GLN B 153 -4.00 -15.88 -28.86
C GLN B 153 -4.67 -16.96 -29.67
N GLU B 154 -3.92 -17.97 -30.12
CA GLU B 154 -4.55 -19.12 -30.76
C GLU B 154 -5.10 -20.08 -29.72
N THR B 155 -4.48 -20.15 -28.54
CA THR B 155 -5.16 -20.76 -27.41
C THR B 155 -6.42 -19.99 -27.07
N TYR B 156 -6.36 -18.65 -27.18
CA TYR B 156 -7.54 -17.83 -26.97
C TYR B 156 -8.55 -17.99 -28.10
N LEU B 157 -8.07 -17.99 -29.36
CA LEU B 157 -8.94 -18.16 -30.52
C LEU B 157 -9.12 -19.65 -30.78
N ARG B 158 -10.08 -20.24 -30.08
CA ARG B 158 -10.44 -21.64 -30.29
C ARG B 158 -11.95 -21.82 -30.33
N CYS B 167 -14.59 -11.16 -22.48
CA CYS B 167 -14.49 -10.52 -21.17
C CYS B 167 -13.06 -10.54 -20.65
N ALA B 168 -12.40 -11.70 -20.78
CA ALA B 168 -10.99 -11.79 -20.42
C ALA B 168 -10.14 -10.88 -21.28
N GLN B 169 -10.55 -10.65 -22.53
CA GLN B 169 -9.84 -9.74 -23.41
C GLN B 169 -9.84 -8.32 -22.86
N TYR B 170 -10.90 -7.95 -22.11
CA TYR B 170 -10.98 -6.60 -21.56
C TYR B 170 -9.80 -6.29 -20.64
N PHE B 171 -9.34 -7.27 -19.87
CA PHE B 171 -8.19 -7.06 -19.00
C PHE B 171 -6.93 -6.81 -19.83
N MET B 172 -6.68 -7.64 -20.84
CA MET B 172 -5.59 -7.40 -21.77
C MET B 172 -5.73 -6.05 -22.46
N GLU B 173 -6.96 -5.59 -22.62
CA GLU B 173 -7.20 -4.29 -23.23
C GLU B 173 -6.73 -3.14 -22.35
N ASN B 174 -6.69 -3.35 -21.03
CA ASN B 174 -6.39 -2.27 -20.09
C ASN B 174 -5.23 -2.61 -19.16
N LEU B 175 -4.32 -3.50 -19.57
CA LEU B 175 -3.24 -3.93 -18.70
C LEU B 175 -2.44 -2.77 -18.14
N VAL B 176 -1.98 -1.87 -19.01
CA VAL B 176 -1.10 -0.80 -18.57
C VAL B 176 -1.85 0.24 -17.76
N ARG B 177 -3.16 0.40 -17.98
CA ARG B 177 -3.93 1.33 -17.19
C ARG B 177 -4.11 0.83 -15.77
N LEU B 178 -4.54 -0.43 -15.63
CA LEU B 178 -4.63 -1.06 -14.31
C LEU B 178 -3.28 -1.10 -13.61
N ALA B 179 -2.19 -1.01 -14.39
CA ALA B 179 -0.85 -1.21 -13.85
C ALA B 179 -0.45 -0.10 -12.90
N GLU B 180 -0.81 1.13 -13.22
CA GLU B 180 -0.26 2.30 -12.53
C GLU B 180 -0.59 2.25 -11.04
N ALA B 181 0.33 2.79 -10.24
CA ALA B 181 0.14 2.78 -8.79
C ALA B 181 -1.10 3.57 -8.39
N GLY B 182 -1.29 4.75 -8.98
CA GLY B 182 -2.49 5.52 -8.73
C GLY B 182 -3.65 5.02 -9.57
N TYR B 183 -4.06 3.77 -9.35
CA TYR B 183 -5.15 3.16 -10.08
C TYR B 183 -6.33 2.93 -9.14
N VAL B 184 -7.46 3.53 -9.47
CA VAL B 184 -8.74 3.24 -8.85
C VAL B 184 -9.63 2.65 -9.94
N PRO B 185 -10.19 1.46 -9.75
CA PRO B 185 -10.94 0.83 -10.85
C PRO B 185 -12.20 1.62 -11.18
N THR B 186 -12.39 1.89 -12.46
CA THR B 186 -13.69 2.37 -12.90
C THR B 186 -14.72 1.27 -12.69
N LYS B 187 -15.99 1.65 -12.75
CA LYS B 187 -17.05 0.66 -12.65
C LYS B 187 -16.91 -0.43 -13.69
N GLU B 188 -16.39 -0.08 -14.88
CA GLU B 188 -16.32 -1.04 -15.97
C GLU B 188 -15.38 -2.19 -15.66
N ASP B 189 -14.27 -1.92 -14.97
CA ASP B 189 -13.39 -3.00 -14.53
C ASP B 189 -14.13 -3.96 -13.61
N VAL B 190 -14.78 -3.42 -12.57
CA VAL B 190 -15.64 -4.21 -11.68
C VAL B 190 -16.55 -5.13 -12.47
N LEU B 191 -17.05 -4.63 -13.61
CA LEU B 191 -18.11 -5.31 -14.33
C LEU B 191 -17.56 -6.50 -15.11
N TYR B 192 -16.50 -6.25 -15.88
CA TYR B 192 -15.82 -7.32 -16.59
C TYR B 192 -15.07 -8.23 -15.62
N ALA B 193 -14.64 -7.70 -14.48
CA ALA B 193 -14.12 -8.55 -13.42
C ALA B 193 -15.22 -9.45 -12.92
N ARG B 194 -15.01 -10.77 -13.02
CA ARG B 194 -15.96 -11.75 -12.53
C ARG B 194 -15.50 -12.24 -11.17
N VAL B 195 -16.20 -11.82 -10.13
CA VAL B 195 -15.99 -12.31 -8.77
C VAL B 195 -17.10 -13.31 -8.49
N ARG B 196 -16.73 -14.58 -8.37
CA ARG B 196 -17.71 -15.61 -8.06
C ARG B 196 -18.30 -15.35 -6.68
N THR B 197 -19.62 -15.47 -6.58
CA THR B 197 -20.30 -15.25 -5.32
C THR B 197 -19.95 -16.36 -4.34
N ASN B 198 -19.47 -15.97 -3.15
CA ASN B 198 -19.18 -16.91 -2.08
C ASN B 198 -20.31 -16.85 -1.06
N GLY B 199 -21.07 -17.95 -0.95
CA GLY B 199 -22.24 -17.94 -0.10
C GLY B 199 -23.34 -17.08 -0.69
N VAL B 200 -24.11 -16.46 0.19
CA VAL B 200 -25.15 -15.51 -0.21
C VAL B 200 -24.68 -14.11 0.16
N VAL B 201 -24.95 -13.16 -0.72
CA VAL B 201 -24.49 -11.77 -0.58
C VAL B 201 -25.70 -10.86 -0.61
N GLN B 202 -25.72 -9.90 0.32
CA GLN B 202 -26.89 -9.05 0.55
C GLN B 202 -26.54 -7.59 0.29
N ILE B 203 -27.43 -6.88 -0.38
CA ILE B 203 -27.40 -5.41 -0.41
C ILE B 203 -28.77 -4.94 0.05
N GLN B 204 -28.79 -3.91 0.89
CA GLN B 204 -30.02 -3.23 1.27
C GLN B 204 -30.02 -1.85 0.63
N PHE B 205 -31.06 -1.55 -0.14
CA PHE B 205 -31.09 -0.32 -0.92
C PHE B 205 -32.52 0.05 -1.23
N SER B 206 -32.77 1.35 -1.37
CA SER B 206 -34.06 1.85 -1.81
C SER B 206 -33.82 3.14 -2.59
N PRO B 207 -34.47 3.31 -3.76
CA PRO B 207 -34.31 4.51 -4.58
C PRO B 207 -35.16 5.67 -4.07
N VAL B 217 -37.64 -0.16 1.62
CA VAL B 217 -36.32 -0.57 1.18
C VAL B 217 -36.44 -1.88 0.40
N TYR B 218 -35.36 -2.29 -0.26
CA TYR B 218 -35.36 -3.52 -1.05
C TYR B 218 -33.98 -4.15 -0.96
N ARG B 219 -33.94 -5.45 -0.69
CA ARG B 219 -32.69 -6.16 -0.45
C ARG B 219 -32.52 -7.27 -1.47
N LEU B 220 -31.35 -7.31 -2.12
CA LEU B 220 -31.06 -8.28 -3.16
C LEU B 220 -30.11 -9.35 -2.66
N TYR B 221 -30.40 -10.60 -3.03
CA TYR B 221 -29.61 -11.75 -2.63
C TYR B 221 -29.11 -12.47 -3.87
N ASP B 222 -27.83 -12.84 -3.86
CA ASP B 222 -27.24 -13.67 -4.89
C ASP B 222 -26.40 -14.74 -4.22
N VAL B 223 -26.42 -15.95 -4.77
CA VAL B 223 -25.74 -17.08 -4.16
C VAL B 223 -24.85 -17.74 -5.21
N GLY B 224 -23.60 -17.97 -4.85
CA GLY B 224 -22.72 -18.77 -5.66
C GLY B 224 -22.80 -20.23 -5.24
N GLY B 225 -23.53 -21.03 -6.03
CA GLY B 225 -23.70 -22.44 -5.75
C GLY B 225 -23.50 -23.25 -7.01
N GLN B 226 -23.57 -24.57 -6.83
CA GLN B 226 -23.40 -25.49 -7.94
C GLN B 226 -24.73 -25.76 -8.62
N ARG B 227 -24.68 -26.03 -9.93
CA ARG B 227 -25.87 -26.20 -10.73
C ARG B 227 -26.73 -27.36 -10.25
N ASN B 228 -26.17 -28.56 -10.23
CA ASN B 228 -26.95 -29.77 -9.95
C ASN B 228 -27.61 -29.74 -8.58
N GLU B 229 -27.13 -28.88 -7.68
CA GLU B 229 -27.62 -28.84 -6.30
C GLU B 229 -28.80 -27.89 -6.22
N ARG B 230 -29.97 -28.44 -5.92
CA ARG B 230 -31.17 -27.62 -5.75
C ARG B 230 -31.00 -26.52 -4.71
N ARG B 231 -30.36 -26.82 -3.56
CA ARG B 231 -29.69 -28.00 -2.98
C ARG B 231 -30.73 -29.04 -2.56
N LYS B 232 -31.77 -28.56 -1.89
CA LYS B 232 -33.07 -29.22 -1.84
C LYS B 232 -34.10 -28.15 -2.20
N TRP B 233 -35.39 -28.50 -2.11
CA TRP B 233 -36.44 -27.53 -2.41
C TRP B 233 -36.17 -26.25 -1.64
N ILE B 234 -35.76 -25.21 -2.37
CA ILE B 234 -35.17 -24.01 -1.79
C ILE B 234 -36.07 -23.43 -0.70
N HIS B 235 -35.52 -23.29 0.51
CA HIS B 235 -36.30 -22.71 1.60
C HIS B 235 -36.57 -21.23 1.41
N LEU B 236 -35.89 -20.56 0.45
CA LEU B 236 -35.89 -19.11 0.24
C LEU B 236 -37.25 -18.53 -0.14
N PHE B 237 -38.28 -19.36 -0.29
CA PHE B 237 -39.56 -18.89 -0.80
C PHE B 237 -40.29 -18.02 0.22
N GLU B 238 -40.16 -18.34 1.50
CA GLU B 238 -40.97 -17.68 2.53
C GLU B 238 -40.69 -16.18 2.60
N GLY B 239 -39.46 -15.77 2.36
CA GLY B 239 -39.08 -14.39 2.60
C GLY B 239 -39.29 -13.48 1.42
N VAL B 240 -39.27 -14.01 0.20
CA VAL B 240 -39.19 -13.18 -0.99
C VAL B 240 -40.49 -13.27 -1.76
N ASN B 241 -41.01 -12.11 -2.16
CA ASN B 241 -42.18 -12.06 -3.03
C ASN B 241 -41.78 -12.05 -4.50
N ALA B 242 -40.67 -11.39 -4.82
CA ALA B 242 -40.26 -11.18 -6.20
C ALA B 242 -38.96 -11.93 -6.48
N VAL B 243 -38.92 -12.63 -7.62
CA VAL B 243 -37.74 -13.32 -8.10
C VAL B 243 -37.35 -12.72 -9.44
N ILE B 244 -36.13 -12.21 -9.53
CA ILE B 244 -35.60 -11.74 -10.81
C ILE B 244 -34.85 -12.91 -11.45
N PHE B 245 -35.38 -13.39 -12.57
CA PHE B 245 -34.82 -14.54 -13.27
C PHE B 245 -34.10 -14.07 -14.52
N CYS B 246 -32.82 -14.45 -14.64
CA CYS B 246 -31.96 -13.98 -15.72
C CYS B 246 -31.88 -15.06 -16.81
N ALA B 247 -32.23 -14.67 -18.03
CA ALA B 247 -32.17 -15.54 -19.19
C ALA B 247 -31.31 -14.87 -20.25
N ALA B 248 -30.24 -15.54 -20.66
CA ALA B 248 -29.33 -15.01 -21.69
C ALA B 248 -29.89 -15.39 -23.05
N ILE B 249 -30.54 -14.43 -23.72
CA ILE B 249 -31.15 -14.72 -25.01
C ILE B 249 -30.11 -14.94 -26.09
N SER B 250 -28.93 -14.33 -25.95
CA SER B 250 -27.88 -14.48 -26.95
C SER B 250 -27.30 -15.89 -27.01
N GLU B 251 -27.60 -16.74 -26.01
CA GLU B 251 -26.96 -18.04 -25.87
C GLU B 251 -27.58 -19.13 -26.74
N TYR B 252 -28.52 -18.80 -27.62
CA TYR B 252 -29.21 -19.84 -28.38
C TYR B 252 -28.27 -20.58 -29.31
N ASP B 253 -27.27 -19.86 -29.86
CA ASP B 253 -26.26 -20.51 -30.69
C ASP B 253 -25.41 -21.47 -29.85
N GLN B 254 -25.15 -21.11 -28.60
CA GLN B 254 -24.09 -21.73 -27.83
C GLN B 254 -24.55 -23.04 -27.19
N MET B 255 -23.64 -24.03 -27.21
CA MET B 255 -23.78 -25.22 -26.39
C MET B 255 -23.18 -24.96 -25.01
N LEU B 256 -23.59 -25.76 -24.04
CA LEU B 256 -23.08 -25.60 -22.68
C LEU B 256 -21.58 -25.79 -22.65
N PHE B 257 -20.92 -25.06 -21.74
CA PHE B 257 -19.47 -25.10 -21.66
C PHE B 257 -18.98 -26.42 -21.09
N GLU B 258 -19.49 -26.82 -19.94
CA GLU B 258 -19.10 -28.09 -19.33
C GLU B 258 -19.50 -29.27 -20.22
N ASP B 259 -20.66 -29.18 -20.85
CA ASP B 259 -21.22 -30.29 -21.61
C ASP B 259 -21.57 -29.80 -23.01
N GLU B 260 -20.92 -30.36 -24.02
CA GLU B 260 -21.04 -29.83 -25.38
C GLU B 260 -22.29 -30.32 -26.11
N THR B 261 -22.90 -31.42 -25.68
CA THR B 261 -24.10 -31.89 -26.37
C THR B 261 -25.31 -31.02 -26.07
N LYS B 262 -25.50 -30.64 -24.81
CA LYS B 262 -26.68 -29.88 -24.43
C LYS B 262 -26.53 -28.42 -24.83
N ASN B 263 -27.67 -27.75 -24.98
CA ASN B 263 -27.75 -26.38 -25.45
C ASN B 263 -28.14 -25.46 -24.29
N ARG B 264 -27.48 -24.31 -24.20
CA ARG B 264 -27.70 -23.42 -23.06
C ARG B 264 -29.10 -22.83 -23.05
N MET B 265 -29.67 -22.54 -24.23
CA MET B 265 -31.04 -22.03 -24.28
C MET B 265 -32.02 -23.07 -23.76
N MET B 266 -31.74 -24.35 -24.01
CA MET B 266 -32.59 -25.41 -23.47
C MET B 266 -32.60 -25.40 -21.94
N GLU B 267 -31.41 -25.35 -21.34
CA GLU B 267 -31.31 -25.33 -19.89
C GLU B 267 -31.89 -24.05 -19.31
N THR B 268 -31.84 -22.95 -20.04
CA THR B 268 -32.52 -21.74 -19.61
C THR B 268 -34.03 -21.96 -19.58
N LYS B 269 -34.58 -22.53 -20.64
CA LYS B 269 -36.00 -22.85 -20.67
C LYS B 269 -36.35 -23.92 -19.64
N GLU B 270 -35.59 -25.02 -19.61
CA GLU B 270 -35.89 -26.11 -18.71
C GLU B 270 -35.80 -25.68 -17.26
N LEU B 271 -34.76 -24.92 -16.91
CA LEU B 271 -34.64 -24.43 -15.53
C LEU B 271 -35.78 -23.47 -15.20
N PHE B 272 -36.05 -22.51 -16.09
CA PHE B 272 -37.13 -21.55 -15.86
C PHE B 272 -38.45 -22.27 -15.60
N ASP B 273 -38.79 -23.25 -16.45
CA ASP B 273 -39.96 -24.08 -16.22
C ASP B 273 -39.91 -24.74 -14.86
N TRP B 274 -38.73 -25.24 -14.46
CA TRP B 274 -38.59 -25.89 -13.17
C TRP B 274 -38.86 -24.91 -12.03
N VAL B 275 -38.32 -23.69 -12.12
CA VAL B 275 -38.51 -22.72 -11.06
C VAL B 275 -39.98 -22.33 -10.93
N LEU B 276 -40.63 -22.07 -12.07
CA LEU B 276 -42.04 -21.71 -12.06
C LEU B 276 -42.89 -22.82 -11.45
N LYS B 277 -42.57 -24.07 -11.78
CA LYS B 277 -43.34 -25.21 -11.30
C LYS B 277 -43.26 -25.35 -9.79
N GLN B 278 -42.21 -24.83 -9.14
CA GLN B 278 -42.04 -24.97 -7.70
C GLN B 278 -43.10 -24.14 -6.98
N ARG B 279 -44.11 -24.82 -6.43
CA ARG B 279 -45.23 -24.16 -5.76
C ARG B 279 -44.83 -23.48 -4.47
N CYS B 280 -43.61 -23.68 -3.98
CA CYS B 280 -43.08 -22.79 -2.97
C CYS B 280 -43.05 -21.35 -3.46
N PHE B 281 -43.02 -21.15 -4.77
CA PHE B 281 -43.09 -19.85 -5.40
C PHE B 281 -44.48 -19.54 -5.96
N GLU B 282 -45.50 -20.33 -5.61
CA GLU B 282 -46.84 -20.14 -6.14
C GLU B 282 -47.34 -18.72 -5.88
N LYS B 283 -47.16 -18.23 -4.66
CA LYS B 283 -47.63 -16.90 -4.30
C LYS B 283 -46.61 -15.81 -4.62
N THR B 284 -45.35 -16.16 -4.79
CA THR B 284 -44.31 -15.19 -5.04
C THR B 284 -44.37 -14.67 -6.48
N SER B 285 -44.18 -13.37 -6.63
CA SER B 285 -44.20 -12.72 -7.92
C SER B 285 -42.90 -12.98 -8.67
N PHE B 286 -42.95 -12.84 -10.00
CA PHE B 286 -41.83 -13.18 -10.86
C PHE B 286 -41.50 -12.06 -11.83
N ILE B 287 -40.21 -11.76 -11.96
CA ILE B 287 -39.70 -10.78 -12.91
C ILE B 287 -38.65 -11.48 -13.76
N LEU B 288 -38.80 -11.39 -15.07
CA LEU B 288 -37.90 -12.09 -15.99
C LEU B 288 -37.08 -11.08 -16.79
N PHE B 289 -35.76 -11.30 -16.83
CA PHE B 289 -34.84 -10.48 -17.60
C PHE B 289 -34.29 -11.29 -18.77
N LEU B 290 -34.41 -10.74 -19.97
CA LEU B 290 -33.75 -11.27 -21.16
C LEU B 290 -32.52 -10.42 -21.39
N ASN B 291 -31.41 -10.76 -20.74
CA ASN B 291 -30.23 -9.93 -20.78
C ASN B 291 -29.32 -10.33 -21.94
N LYS B 292 -28.17 -9.66 -22.02
CA LYS B 292 -27.25 -9.80 -23.15
C LYS B 292 -27.95 -9.47 -24.47
N PHE B 293 -28.87 -8.49 -24.41
CA PHE B 293 -29.56 -8.02 -25.60
C PHE B 293 -28.57 -7.50 -26.63
N ASP B 294 -27.57 -6.75 -26.18
CA ASP B 294 -26.52 -6.28 -27.08
C ASP B 294 -25.83 -7.45 -27.77
N ILE B 295 -25.50 -8.50 -27.00
CA ILE B 295 -24.92 -9.70 -27.58
C ILE B 295 -25.90 -10.35 -28.53
N CYS B 296 -27.19 -10.30 -28.20
CA CYS B 296 -28.20 -10.89 -29.08
C CYS B 296 -28.23 -10.19 -30.44
N GLU B 297 -28.12 -8.86 -30.45
CA GLU B 297 -28.03 -8.14 -31.70
C GLU B 297 -26.75 -8.46 -32.45
N LYS B 298 -25.62 -8.51 -31.71
CA LYS B 298 -24.37 -8.99 -32.28
C LYS B 298 -24.52 -10.41 -32.83
N LYS B 299 -25.24 -11.26 -32.09
CA LYS B 299 -25.26 -12.68 -32.42
C LYS B 299 -26.15 -12.97 -33.63
N ILE B 300 -27.32 -12.35 -33.70
CA ILE B 300 -28.34 -12.76 -34.68
C ILE B 300 -27.82 -12.61 -36.10
N GLN B 301 -27.00 -11.59 -36.35
CA GLN B 301 -26.37 -11.35 -37.66
C GLN B 301 -27.28 -11.75 -38.81
N LYS B 302 -26.79 -12.57 -39.74
CA LYS B 302 -27.62 -13.28 -40.69
C LYS B 302 -27.98 -14.69 -40.23
N VAL B 303 -27.43 -15.14 -39.10
CA VAL B 303 -27.72 -16.50 -38.65
C VAL B 303 -29.17 -16.58 -38.19
N PRO B 304 -29.92 -17.62 -38.56
CA PRO B 304 -31.29 -17.72 -38.07
C PRO B 304 -31.33 -18.06 -36.59
N LEU B 305 -32.26 -17.41 -35.89
CA LEU B 305 -32.53 -17.72 -34.49
C LEU B 305 -33.10 -19.13 -34.37
N SER B 306 -33.39 -19.73 -35.53
CA SER B 306 -33.96 -21.07 -35.60
C SER B 306 -32.97 -22.16 -35.21
N VAL B 307 -31.69 -21.84 -35.04
CA VAL B 307 -30.70 -22.86 -34.70
C VAL B 307 -31.09 -23.57 -33.41
N CYS B 308 -31.70 -22.85 -32.47
CA CYS B 308 -32.22 -23.48 -31.27
C CYS B 308 -33.38 -24.41 -31.62
N GLU B 309 -33.36 -25.63 -31.07
CA GLU B 309 -34.47 -26.55 -31.25
C GLU B 309 -35.78 -25.98 -30.74
N TRP B 310 -35.71 -25.02 -29.82
CA TRP B 310 -36.92 -24.35 -29.33
C TRP B 310 -37.45 -23.37 -30.37
N PHE B 311 -36.56 -22.71 -31.11
CA PHE B 311 -36.93 -21.66 -32.04
C PHE B 311 -36.91 -22.12 -33.49
N LYS B 312 -36.93 -23.44 -33.74
CA LYS B 312 -36.80 -23.94 -35.10
C LYS B 312 -37.96 -23.50 -35.98
N ASP B 313 -39.13 -23.25 -35.39
CA ASP B 313 -40.27 -22.80 -36.17
C ASP B 313 -40.03 -21.41 -36.75
N TYR B 314 -39.31 -20.57 -36.02
CA TYR B 314 -39.17 -19.16 -36.38
C TYR B 314 -38.44 -19.01 -37.70
N GLN B 315 -38.87 -18.04 -38.51
CA GLN B 315 -38.13 -17.68 -39.70
C GLN B 315 -38.37 -16.22 -40.07
N PRO B 316 -37.30 -15.47 -40.31
CA PRO B 316 -37.45 -14.05 -40.68
C PRO B 316 -37.64 -13.87 -42.19
N ILE B 317 -38.23 -12.73 -42.53
CA ILE B 317 -38.44 -12.38 -43.93
C ILE B 317 -37.21 -11.66 -44.47
N GLU B 323 -35.63 -8.60 -38.60
CA GLU B 323 -34.59 -7.92 -37.83
C GLU B 323 -34.62 -8.35 -36.37
N VAL B 324 -33.99 -7.56 -35.49
CA VAL B 324 -33.81 -8.00 -34.11
C VAL B 324 -35.12 -7.91 -33.33
N GLU B 325 -35.89 -6.84 -33.52
CA GLU B 325 -37.09 -6.67 -32.71
C GLU B 325 -38.13 -7.72 -33.05
N HIS B 326 -38.24 -8.12 -34.32
CA HIS B 326 -39.07 -9.26 -34.67
C HIS B 326 -38.63 -10.51 -33.93
N ALA B 327 -37.31 -10.74 -33.85
CA ALA B 327 -36.81 -11.90 -33.13
C ALA B 327 -37.04 -11.76 -31.63
N TYR B 328 -36.81 -10.56 -31.08
CA TYR B 328 -37.03 -10.36 -29.65
C TYR B 328 -38.48 -10.64 -29.28
N GLU B 329 -39.42 -10.14 -30.08
CA GLU B 329 -40.83 -10.43 -29.81
C GLU B 329 -41.13 -11.91 -29.91
N PHE B 330 -40.42 -12.64 -30.78
CA PHE B 330 -40.63 -14.07 -30.88
C PHE B 330 -40.13 -14.79 -29.62
N VAL B 331 -38.87 -14.55 -29.24
CA VAL B 331 -38.32 -15.15 -28.02
C VAL B 331 -39.18 -14.76 -26.82
N LYS B 332 -39.56 -13.48 -26.75
CA LYS B 332 -40.41 -13.02 -25.65
C LYS B 332 -41.72 -13.83 -25.60
N LYS B 333 -42.42 -13.92 -26.74
CA LYS B 333 -43.66 -14.69 -26.77
C LYS B 333 -43.45 -16.14 -26.39
N LYS B 334 -42.28 -16.71 -26.72
CA LYS B 334 -41.99 -18.07 -26.31
C LYS B 334 -41.84 -18.17 -24.79
N PHE B 335 -41.29 -17.14 -24.16
CA PHE B 335 -41.10 -17.18 -22.71
C PHE B 335 -42.42 -17.01 -21.98
N GLU B 336 -43.28 -16.10 -22.44
CA GLU B 336 -44.63 -16.01 -21.87
C GLU B 336 -45.35 -17.34 -22.00
N GLU B 337 -45.46 -17.85 -23.24
CA GLU B 337 -46.06 -19.16 -23.48
C GLU B 337 -45.54 -20.20 -22.49
N LEU B 338 -44.22 -20.20 -22.29
CA LEU B 338 -43.63 -21.11 -21.32
C LEU B 338 -44.12 -20.83 -19.90
N TYR B 339 -44.24 -19.55 -19.54
CA TYR B 339 -44.71 -19.20 -18.21
C TYR B 339 -46.15 -19.65 -18.00
N PHE B 340 -47.05 -19.24 -18.90
CA PHE B 340 -48.47 -19.52 -18.71
C PHE B 340 -48.73 -21.03 -18.73
N GLN B 341 -48.01 -21.76 -19.57
CA GLN B 341 -48.18 -23.20 -19.60
C GLN B 341 -47.70 -23.86 -18.32
N SER B 342 -46.57 -23.40 -17.78
CA SER B 342 -46.03 -23.95 -16.54
C SER B 342 -46.83 -23.53 -15.31
N SER B 343 -47.81 -22.63 -15.46
CA SER B 343 -48.68 -22.24 -14.36
C SER B 343 -49.93 -23.10 -14.39
N LYS B 344 -50.06 -23.99 -13.39
CA LYS B 344 -51.19 -24.90 -13.31
C LYS B 344 -52.14 -24.58 -12.16
N PRO B 345 -51.66 -24.60 -10.88
CA PRO B 345 -52.57 -24.84 -9.75
C PRO B 345 -53.88 -24.07 -9.77
N ASP B 346 -53.81 -22.74 -9.67
CA ASP B 346 -54.97 -21.87 -9.83
C ASP B 346 -54.54 -20.41 -9.74
N ARG B 350 -49.86 -15.06 -8.92
CA ARG B 350 -48.65 -14.25 -8.98
C ARG B 350 -48.55 -13.49 -10.30
N VAL B 351 -47.73 -12.44 -10.32
CA VAL B 351 -47.61 -11.57 -11.47
C VAL B 351 -46.29 -11.85 -12.18
N PHE B 352 -46.31 -11.70 -13.51
CA PHE B 352 -45.16 -11.96 -14.37
C PHE B 352 -44.96 -10.76 -15.29
N LYS B 353 -43.72 -10.32 -15.43
CA LYS B 353 -43.42 -9.16 -16.24
C LYS B 353 -41.99 -9.27 -16.74
N ILE B 354 -41.80 -9.01 -18.03
CA ILE B 354 -40.55 -9.25 -18.73
C ILE B 354 -39.90 -7.92 -19.07
N TYR B 355 -38.59 -7.84 -18.88
CA TYR B 355 -37.82 -6.64 -19.18
C TYR B 355 -36.75 -6.96 -20.20
N ARG B 356 -36.65 -6.12 -21.23
CA ARG B 356 -35.53 -6.14 -22.17
C ARG B 356 -34.36 -5.41 -21.53
N THR B 357 -33.30 -6.16 -21.20
CA THR B 357 -32.21 -5.62 -20.41
C THR B 357 -30.88 -5.88 -21.09
N THR B 358 -29.97 -4.91 -20.94
CA THR B 358 -28.54 -5.13 -21.09
C THR B 358 -27.92 -5.01 -19.70
N ALA B 359 -27.17 -6.04 -19.30
CA ALA B 359 -26.74 -6.14 -17.91
C ALA B 359 -25.47 -5.34 -17.64
N LEU B 360 -24.41 -5.51 -18.45
CA LEU B 360 -23.21 -4.73 -18.23
C LEU B 360 -23.30 -3.33 -18.84
N ASP B 361 -24.39 -3.02 -19.53
CA ASP B 361 -24.79 -1.63 -19.70
C ASP B 361 -25.37 -1.12 -18.40
N GLN B 362 -24.79 -0.04 -17.88
CA GLN B 362 -25.25 0.54 -16.61
C GLN B 362 -25.94 1.87 -16.80
N LYS B 363 -25.85 2.45 -17.99
CA LYS B 363 -26.60 3.63 -18.37
C LYS B 363 -28.02 3.18 -18.63
N LEU B 364 -28.82 3.16 -17.55
CA LEU B 364 -30.24 2.80 -17.48
C LEU B 364 -30.47 1.31 -17.21
N VAL B 365 -29.79 0.76 -16.21
CA VAL B 365 -30.26 -0.48 -15.60
C VAL B 365 -31.21 -0.20 -14.45
N LYS B 366 -31.01 0.92 -13.76
CA LYS B 366 -31.96 1.36 -12.75
C LYS B 366 -33.34 1.65 -13.32
N LYS B 367 -33.44 1.86 -14.63
CA LYS B 367 -34.75 2.11 -15.24
C LYS B 367 -35.76 1.08 -14.76
N THR B 368 -35.42 -0.21 -14.84
CA THR B 368 -36.27 -1.25 -14.31
C THR B 368 -36.60 -1.02 -12.84
N PHE B 369 -35.62 -0.54 -12.05
CA PHE B 369 -35.78 -0.55 -10.60
C PHE B 369 -36.85 0.43 -10.15
N LYS B 370 -36.87 1.63 -10.71
CA LYS B 370 -38.04 2.49 -10.58
C LYS B 370 -39.30 1.75 -11.00
N LEU B 371 -39.21 0.95 -12.07
CA LEU B 371 -40.39 0.21 -12.50
C LEU B 371 -40.71 -0.96 -11.59
N ILE B 372 -39.70 -1.68 -11.09
CA ILE B 372 -40.02 -2.73 -10.12
C ILE B 372 -40.57 -2.12 -8.84
N ASP B 373 -39.99 -1.01 -8.38
CA ASP B 373 -40.56 -0.33 -7.22
C ASP B 373 -41.94 0.24 -7.51
N GLU B 374 -42.20 0.65 -8.75
CA GLU B 374 -43.56 1.07 -9.10
C GLU B 374 -44.48 -0.14 -9.20
N SER B 375 -43.91 -1.32 -9.48
CA SER B 375 -44.73 -2.51 -9.69
C SER B 375 -45.21 -3.12 -8.38
N MET B 376 -44.38 -3.11 -7.34
CA MET B 376 -44.82 -3.63 -6.04
C MET B 376 -45.57 -2.58 -5.24
N ARG B 377 -46.61 -2.01 -5.82
CA ARG B 377 -47.49 -1.12 -5.05
C ARG B 377 -48.09 -1.89 -3.88
N ARG B 378 -48.30 -1.19 -2.77
CA ARG B 378 -48.79 -1.77 -1.52
C ARG B 378 -47.75 -2.74 -0.93
N HIS C 43 -13.62 40.11 -33.62
CA HIS C 43 -12.52 40.45 -32.71
C HIS C 43 -12.64 39.73 -31.37
N LYS C 44 -13.70 38.96 -31.17
CA LYS C 44 -14.00 38.42 -29.86
C LYS C 44 -13.39 37.03 -29.69
N LEU C 45 -12.68 36.83 -28.58
CA LEU C 45 -12.08 35.55 -28.23
C LEU C 45 -12.38 35.20 -26.78
N LEU C 46 -12.70 33.93 -26.54
CA LEU C 46 -12.99 33.42 -25.22
C LEU C 46 -12.04 32.27 -24.89
N LEU C 47 -11.62 32.20 -23.63
CA LEU C 47 -10.62 31.22 -23.19
C LEU C 47 -11.29 30.18 -22.30
N LEU C 48 -11.32 28.93 -22.77
CA LEU C 48 -11.97 27.84 -22.06
C LEU C 48 -10.96 26.72 -21.87
N GLY C 49 -10.88 26.20 -20.64
CA GLY C 49 -9.95 25.12 -20.33
C GLY C 49 -10.33 24.43 -19.03
N ALA C 50 -9.59 23.38 -18.73
CA ALA C 50 -9.83 22.55 -17.55
C ALA C 50 -8.60 22.55 -16.65
N GLY C 51 -8.81 22.90 -15.39
CA GLY C 51 -7.73 22.82 -14.41
C GLY C 51 -6.55 23.69 -14.80
N GLU C 52 -5.38 23.06 -14.92
CA GLU C 52 -4.15 23.75 -15.33
C GLU C 52 -3.93 23.61 -16.83
N SER C 53 -4.92 24.06 -17.59
CA SER C 53 -4.83 23.99 -19.05
C SER C 53 -3.82 24.99 -19.60
N GLY C 54 -3.53 26.06 -18.86
CA GLY C 54 -2.60 27.07 -19.32
C GLY C 54 -3.23 28.28 -19.98
N LYS C 55 -4.54 28.50 -19.80
CA LYS C 55 -5.19 29.60 -20.48
C LYS C 55 -4.73 30.95 -19.94
N SER C 56 -4.57 31.06 -18.62
CA SER C 56 -4.09 32.32 -18.04
C SER C 56 -2.67 32.61 -18.48
N THR C 57 -1.86 31.58 -18.71
CA THR C 57 -0.51 31.79 -19.24
C THR C 57 -0.57 32.34 -20.66
N ILE C 58 -1.42 31.76 -21.51
CA ILE C 58 -1.67 32.36 -22.83
C ILE C 58 -2.06 33.81 -22.66
N PHE C 59 -2.95 34.10 -21.71
CA PHE C 59 -3.44 35.45 -21.50
C PHE C 59 -2.33 36.40 -21.10
N LYS C 60 -1.41 35.94 -20.25
CA LYS C 60 -0.36 36.82 -19.76
C LYS C 60 0.64 37.13 -20.86
N GLN C 61 1.13 36.10 -21.54
CA GLN C 61 2.19 36.30 -22.52
C GLN C 61 1.65 36.86 -23.83
N ILE C 62 0.34 36.79 -24.02
CA ILE C 62 -0.27 37.46 -25.14
C ILE C 62 -0.30 38.97 -24.85
N LYS C 63 -0.21 39.34 -23.57
CA LYS C 63 -0.08 40.74 -23.18
C LYS C 63 1.37 41.20 -23.23
N LEU C 64 2.30 40.31 -22.86
CA LEU C 64 3.72 40.65 -23.01
C LEU C 64 4.08 40.89 -24.46
N LEU C 65 3.35 40.27 -25.38
CA LEU C 65 3.59 40.43 -26.80
C LEU C 65 3.36 41.86 -27.25
N PHE C 66 2.45 42.57 -26.61
CA PHE C 66 1.88 43.81 -27.13
C PHE C 66 2.15 44.97 -26.18
N GLN C 67 2.22 46.17 -26.75
CA GLN C 67 2.40 47.40 -25.98
C GLN C 67 1.02 47.93 -25.56
N THR C 68 0.72 47.94 -24.26
CA THR C 68 1.46 47.96 -23.00
C THR C 68 2.71 48.81 -23.05
N GLY C 69 2.56 50.07 -23.47
CA GLY C 69 3.60 51.05 -23.22
C GLY C 69 3.82 51.31 -21.75
N PHE C 70 2.82 51.03 -20.92
CA PHE C 70 2.94 51.04 -19.48
C PHE C 70 3.36 49.65 -19.02
N ASP C 71 4.20 49.58 -18.00
CA ASP C 71 5.08 50.63 -17.51
C ASP C 71 6.46 49.98 -17.27
N GLU C 72 7.15 49.62 -18.34
CA GLU C 72 6.77 49.69 -19.76
C GLU C 72 6.56 48.36 -20.51
N ALA C 73 6.75 47.17 -19.92
CA ALA C 73 7.06 46.53 -18.63
C ALA C 73 5.97 46.81 -17.59
N GLU C 74 4.73 46.69 -18.06
CA GLU C 74 3.58 46.65 -17.18
C GLU C 74 3.76 45.58 -16.11
N LEU C 75 4.41 44.48 -16.50
CA LEU C 75 4.64 43.34 -15.62
C LEU C 75 5.47 43.69 -14.40
N ARG C 76 6.12 44.86 -14.38
CA ARG C 76 7.09 45.14 -13.33
C ARG C 76 6.42 45.23 -11.97
N SER C 77 5.20 45.77 -11.92
CA SER C 77 4.48 45.84 -10.65
C SER C 77 3.98 44.48 -10.18
N TYR C 78 4.12 43.42 -10.99
CA TYR C 78 3.63 42.10 -10.62
C TYR C 78 4.42 41.47 -9.48
N THR C 79 5.53 42.07 -9.05
CA THR C 79 6.36 41.47 -8.02
C THR C 79 5.57 41.18 -6.75
N SER C 80 4.61 42.04 -6.41
CA SER C 80 3.76 41.79 -5.26
C SER C 80 3.08 40.42 -5.37
N VAL C 81 2.48 40.15 -6.53
CA VAL C 81 1.94 38.82 -6.81
C VAL C 81 3.06 37.79 -6.73
N ILE C 82 4.19 38.08 -7.38
CA ILE C 82 5.36 37.21 -7.37
C ILE C 82 5.81 36.91 -5.94
N HIS C 83 6.00 37.95 -5.13
CA HIS C 83 6.41 37.71 -3.74
C HIS C 83 5.38 36.85 -3.01
N ALA C 84 4.08 37.15 -3.19
CA ALA C 84 3.03 36.39 -2.53
C ALA C 84 3.16 34.90 -2.80
N ASN C 85 3.47 34.53 -4.05
CA ASN C 85 3.73 33.12 -4.38
C ASN C 85 4.83 32.56 -3.49
N VAL C 86 5.97 33.26 -3.43
CA VAL C 86 7.10 32.81 -2.62
C VAL C 86 6.69 32.63 -1.16
N TYR C 87 5.89 33.56 -0.63
CA TYR C 87 5.51 33.48 0.77
C TYR C 87 4.57 32.30 1.02
N GLN C 88 3.42 32.28 0.34
CA GLN C 88 2.46 31.22 0.58
C GLN C 88 3.07 29.85 0.31
N THR C 89 3.96 29.76 -0.67
CA THR C 89 4.57 28.48 -1.04
C THR C 89 5.17 27.76 0.16
N ILE C 90 6.06 28.42 0.90
CA ILE C 90 6.68 27.77 2.04
C ILE C 90 5.66 27.53 3.15
N LYS C 91 4.57 28.30 3.17
CA LYS C 91 3.58 28.14 4.24
C LYS C 91 2.79 26.85 4.06
N ILE C 92 2.33 26.58 2.84
CA ILE C 92 1.69 25.29 2.56
C ILE C 92 2.64 24.15 2.90
N LEU C 93 3.87 24.22 2.35
CA LEU C 93 4.88 23.21 2.65
C LEU C 93 5.06 23.05 4.16
N TYR C 94 5.17 24.18 4.86
CA TYR C 94 5.34 24.16 6.31
C TYR C 94 4.11 23.56 6.99
N GLU C 95 2.91 23.99 6.60
CA GLU C 95 1.69 23.45 7.19
C GLU C 95 1.59 21.94 6.95
N GLY C 96 1.92 21.50 5.75
CA GLY C 96 1.97 20.09 5.43
C GLY C 96 2.71 19.31 6.50
N ALA C 97 4.03 19.54 6.58
CA ALA C 97 4.92 18.80 7.47
C ALA C 97 4.26 18.36 8.77
N LYS C 98 3.55 19.28 9.42
CA LYS C 98 2.89 18.97 10.69
C LYS C 98 1.87 17.84 10.52
N GLU C 99 0.91 18.03 9.62
CA GLU C 99 -0.11 17.01 9.43
C GLU C 99 0.51 15.67 9.05
N LEU C 100 1.50 15.68 8.16
CA LEU C 100 2.26 14.44 7.94
C LEU C 100 3.10 14.06 9.16
N SER C 101 3.53 15.02 9.98
CA SER C 101 4.21 14.66 11.22
C SER C 101 3.25 14.02 12.21
N GLN C 102 1.98 14.41 12.18
CA GLN C 102 1.00 13.82 13.09
C GLN C 102 0.58 12.42 12.66
N VAL C 103 0.39 12.20 11.37
CA VAL C 103 -0.05 10.90 10.88
C VAL C 103 1.14 10.00 10.60
N TYR C 110 9.70 14.00 9.07
CA TYR C 110 9.01 15.20 8.62
C TYR C 110 9.00 16.25 9.72
N VAL C 111 9.70 15.95 10.81
CA VAL C 111 9.89 16.93 11.87
C VAL C 111 10.81 18.03 11.38
N ILE C 112 10.51 19.25 11.76
CA ILE C 112 11.21 20.43 11.28
C ILE C 112 12.43 20.66 12.15
N SER C 113 13.48 21.26 11.56
CA SER C 113 14.73 21.49 12.29
C SER C 113 14.49 22.38 13.50
N PRO C 114 15.38 22.31 14.51
CA PRO C 114 15.17 23.15 15.69
C PRO C 114 15.43 24.62 15.46
N ASP C 115 16.42 24.97 14.63
CA ASP C 115 16.77 26.39 14.46
C ASP C 115 15.66 27.21 13.82
N ASN C 116 14.59 26.58 13.33
CA ASN C 116 13.41 27.31 12.88
C ASN C 116 12.55 27.75 14.07
N GLN C 117 13.20 28.48 14.98
CA GLN C 117 12.58 28.99 16.20
C GLN C 117 11.74 30.21 15.85
N GLU C 118 10.41 30.07 15.95
CA GLU C 118 9.48 31.14 15.58
C GLU C 118 9.66 31.52 14.11
N ILE C 119 10.91 31.52 13.65
CA ILE C 119 11.23 31.77 12.26
C ILE C 119 10.62 30.71 11.36
N GLY C 120 10.24 29.56 11.93
CA GLY C 120 9.33 28.68 11.22
C GLY C 120 8.07 29.40 10.79
N GLU C 121 7.38 30.03 11.74
CA GLU C 121 6.18 30.81 11.44
C GLU C 121 6.47 32.27 11.13
N LYS C 122 7.72 32.72 11.26
CA LYS C 122 8.10 34.07 10.84
C LYS C 122 7.80 34.25 9.36
N LEU C 123 8.01 35.46 8.83
CA LEU C 123 7.62 35.92 7.50
C LEU C 123 6.12 35.85 7.28
N SER C 124 5.35 35.58 8.32
CA SER C 124 3.89 35.53 8.26
C SER C 124 3.34 36.78 8.94
N ASP C 125 3.11 37.82 8.13
CA ASP C 125 2.43 39.03 8.57
C ASP C 125 1.22 39.32 7.71
N ILE C 126 0.81 38.37 6.88
CA ILE C 126 -0.22 38.48 5.83
C ILE C 126 -1.27 39.57 6.08
N PRO C 133 5.24 42.30 4.73
CA PRO C 133 6.57 42.66 4.25
C PRO C 133 6.79 42.29 2.79
N LEU C 134 6.91 43.30 1.91
CA LEU C 134 7.20 43.01 0.51
C LEU C 134 8.56 42.34 0.37
N LEU C 135 9.59 42.94 0.98
CA LEU C 135 10.96 42.53 0.72
C LEU C 135 11.86 42.90 1.88
N ASN C 136 12.76 41.96 2.20
CA ASN C 136 13.95 42.23 2.98
C ASN C 136 14.92 41.09 2.72
N LYS C 137 16.16 41.27 3.16
CA LYS C 137 17.11 40.17 3.06
C LYS C 137 17.02 39.23 4.25
N GLU C 138 16.40 39.65 5.34
CA GLU C 138 16.13 38.73 6.45
C GLU C 138 15.23 37.60 5.98
N LEU C 139 13.98 37.94 5.65
CA LEU C 139 12.98 36.93 5.31
C LEU C 139 13.44 36.00 4.19
N VAL C 140 14.10 36.52 3.15
CA VAL C 140 14.70 35.66 2.12
C VAL C 140 15.72 34.72 2.75
N LEU C 141 16.71 35.27 3.46
CA LEU C 141 17.67 34.45 4.19
C LEU C 141 16.98 33.38 5.05
N ASP C 142 15.73 33.61 5.56
CA ASP C 142 15.11 32.57 6.36
C ASP C 142 14.28 31.62 5.51
N VAL C 143 13.87 32.07 4.31
CA VAL C 143 13.19 31.15 3.39
C VAL C 143 14.15 30.06 2.92
N LYS C 144 15.39 30.40 2.49
CA LYS C 144 16.32 29.32 2.12
C LYS C 144 16.56 28.37 3.29
N ARG C 145 17.09 28.88 4.40
CA ARG C 145 17.43 27.98 5.50
C ARG C 145 16.21 27.20 5.97
N LEU C 146 15.01 27.69 5.66
CA LEU C 146 13.83 26.84 5.80
C LEU C 146 13.69 25.92 4.60
N TRP C 147 13.94 26.43 3.39
CA TRP C 147 13.62 25.68 2.17
C TRP C 147 14.43 24.40 2.05
N GLN C 148 15.73 24.46 2.36
CA GLN C 148 16.56 23.26 2.27
C GLN C 148 16.43 22.35 3.50
N ASP C 149 15.42 22.56 4.32
CA ASP C 149 15.14 21.62 5.40
C ASP C 149 14.75 20.27 4.79
N PRO C 150 15.28 19.16 5.32
CA PRO C 150 14.95 17.86 4.73
C PRO C 150 13.47 17.52 4.82
N ALA C 151 12.80 17.94 5.89
CA ALA C 151 11.43 17.51 6.12
C ALA C 151 10.49 18.03 5.03
N ILE C 152 10.62 19.30 4.68
CA ILE C 152 9.67 19.88 3.74
C ILE C 152 9.95 19.47 2.30
N GLN C 153 11.17 19.03 1.99
CA GLN C 153 11.45 18.52 0.66
C GLN C 153 11.08 17.06 0.51
N GLU C 154 11.10 16.30 1.62
CA GLU C 154 10.37 15.04 1.63
C GLU C 154 8.87 15.28 1.57
N THR C 155 8.40 16.41 2.13
CA THR C 155 7.03 16.84 1.91
C THR C 155 6.83 17.25 0.46
N TYR C 156 7.88 17.77 -0.18
CA TYR C 156 7.76 18.17 -1.58
C TYR C 156 7.58 16.95 -2.48
N LEU C 157 8.24 15.84 -2.16
CA LEU C 157 8.06 14.62 -2.93
C LEU C 157 6.72 13.94 -2.62
N ARG C 158 6.16 14.19 -1.42
CA ARG C 158 4.85 13.66 -1.04
C ARG C 158 4.05 14.80 -0.41
N GLY C 159 3.60 15.73 -1.25
CA GLY C 159 3.76 15.74 -2.69
C GLY C 159 2.53 15.14 -3.35
N SER C 160 2.22 15.60 -4.56
CA SER C 160 1.03 15.17 -5.28
C SER C 160 -0.24 15.47 -4.50
N ILE C 161 -0.33 14.95 -3.27
CA ILE C 161 -1.48 15.23 -2.41
C ILE C 161 -1.54 16.72 -2.07
N LEU C 162 -0.39 17.34 -1.80
CA LEU C 162 -0.34 18.73 -1.38
C LEU C 162 0.50 19.55 -2.34
N GLN C 163 0.03 20.77 -2.62
CA GLN C 163 0.78 21.76 -3.39
C GLN C 163 1.13 21.26 -4.79
N LEU C 164 0.28 21.56 -5.77
CA LEU C 164 0.61 21.19 -7.14
C LEU C 164 1.02 22.36 -8.06
N PRO C 165 1.65 23.45 -7.56
CA PRO C 165 2.47 24.25 -8.46
C PRO C 165 3.89 23.71 -8.59
N ASP C 166 4.14 22.92 -9.65
CA ASP C 166 5.51 22.63 -10.04
C ASP C 166 6.26 23.91 -10.38
N CYS C 167 5.52 24.98 -10.72
CA CYS C 167 6.13 26.28 -10.98
C CYS C 167 6.75 26.87 -9.72
N ALA C 168 6.27 26.47 -8.53
CA ALA C 168 6.67 27.14 -7.30
C ALA C 168 8.17 26.99 -7.04
N GLN C 169 8.75 25.84 -7.38
CA GLN C 169 10.17 25.62 -7.13
C GLN C 169 11.02 26.63 -7.88
N TYR C 170 10.60 27.03 -9.08
CA TYR C 170 11.30 28.08 -9.82
C TYR C 170 11.57 29.29 -8.94
N PHE C 171 10.53 29.77 -8.24
CA PHE C 171 10.71 30.88 -7.33
C PHE C 171 11.64 30.51 -6.19
N MET C 172 11.51 29.28 -5.69
CA MET C 172 12.42 28.80 -4.65
C MET C 172 13.86 28.75 -5.15
N GLU C 173 14.04 28.58 -6.46
CA GLU C 173 15.37 28.63 -7.07
C GLU C 173 15.86 30.05 -7.31
N ASN C 174 14.98 31.06 -7.21
CA ASN C 174 15.29 32.42 -7.62
C ASN C 174 15.07 33.44 -6.50
N LEU C 175 15.22 33.04 -5.24
CA LEU C 175 14.99 33.97 -4.14
C LEU C 175 15.89 35.18 -4.21
N VAL C 176 17.21 34.96 -4.31
CA VAL C 176 18.18 36.03 -4.15
C VAL C 176 18.04 37.08 -5.23
N ARG C 177 17.66 36.69 -6.44
CA ARG C 177 17.49 37.68 -7.50
C ARG C 177 16.26 38.55 -7.24
N LEU C 178 15.15 37.92 -6.83
CA LEU C 178 13.99 38.69 -6.41
C LEU C 178 14.28 39.53 -5.17
N ALA C 179 15.31 39.15 -4.41
CA ALA C 179 15.49 39.70 -3.07
C ALA C 179 16.10 41.10 -3.07
N GLU C 180 16.82 41.46 -4.13
CA GLU C 180 17.45 42.77 -4.15
C GLU C 180 16.40 43.88 -4.22
N ALA C 181 16.65 44.98 -3.53
CA ALA C 181 15.74 46.12 -3.59
C ALA C 181 15.57 46.63 -5.02
N GLY C 182 16.67 46.73 -5.76
CA GLY C 182 16.59 47.03 -7.17
C GLY C 182 16.26 45.81 -7.99
N TYR C 183 15.02 45.33 -7.87
CA TYR C 183 14.57 44.11 -8.52
C TYR C 183 13.49 44.43 -9.53
N VAL C 184 13.65 43.92 -10.74
CA VAL C 184 12.62 43.96 -11.77
C VAL C 184 12.36 42.52 -12.19
N PRO C 185 11.11 42.06 -12.22
CA PRO C 185 10.85 40.67 -12.57
C PRO C 185 11.12 40.43 -14.05
N THR C 186 11.74 39.30 -14.35
CA THR C 186 11.81 38.87 -15.73
C THR C 186 10.43 38.43 -16.19
N LYS C 187 10.26 38.35 -17.51
CA LYS C 187 9.00 37.84 -18.06
C LYS C 187 8.69 36.47 -17.50
N GLU C 188 9.72 35.65 -17.27
CA GLU C 188 9.51 34.29 -16.77
C GLU C 188 8.89 34.29 -15.38
N ASP C 189 9.22 35.30 -14.56
CA ASP C 189 8.60 35.40 -13.24
C ASP C 189 7.10 35.66 -13.34
N VAL C 190 6.71 36.55 -14.24
CA VAL C 190 5.29 36.80 -14.50
C VAL C 190 4.59 35.51 -14.89
N LEU C 191 5.28 34.67 -15.66
CA LEU C 191 4.67 33.46 -16.17
C LEU C 191 4.47 32.44 -15.06
N TYR C 192 5.52 32.19 -14.28
CA TYR C 192 5.44 31.23 -13.20
C TYR C 192 4.60 31.76 -12.04
N ALA C 193 4.36 33.07 -11.99
CA ALA C 193 3.51 33.63 -10.94
C ALA C 193 2.09 33.10 -11.06
N ARG C 194 1.50 32.75 -9.92
CA ARG C 194 0.17 32.18 -9.87
C ARG C 194 -0.82 33.25 -9.42
N VAL C 195 -1.82 33.52 -10.27
CA VAL C 195 -2.87 34.48 -9.98
C VAL C 195 -4.20 33.74 -9.96
N ARG C 196 -5.01 34.03 -8.94
CA ARG C 196 -6.35 33.49 -8.86
C ARG C 196 -7.26 34.25 -9.82
N THR C 197 -8.00 33.52 -10.64
CA THR C 197 -8.89 34.13 -11.63
C THR C 197 -10.14 34.61 -10.92
N ASN C 198 -10.24 35.93 -10.73
CA ASN C 198 -11.40 36.57 -10.13
C ASN C 198 -12.16 37.35 -11.20
N GLY C 199 -13.42 37.00 -11.40
CA GLY C 199 -14.21 37.70 -12.40
C GLY C 199 -13.72 37.39 -13.80
N VAL C 200 -13.74 38.40 -14.65
CA VAL C 200 -13.28 38.29 -16.03
C VAL C 200 -12.12 39.26 -16.23
N VAL C 201 -11.13 38.84 -17.02
CA VAL C 201 -9.99 39.66 -17.36
C VAL C 201 -10.02 39.93 -18.86
N GLN C 202 -9.85 41.19 -19.23
CA GLN C 202 -10.08 41.69 -20.58
C GLN C 202 -8.89 42.49 -21.04
N ILE C 203 -8.35 42.15 -22.21
CA ILE C 203 -7.26 42.89 -22.84
C ILE C 203 -7.61 43.11 -24.30
N GLN C 204 -7.42 44.34 -24.79
CA GLN C 204 -7.63 44.62 -26.20
C GLN C 204 -6.32 44.96 -26.85
N PHE C 205 -6.09 44.39 -28.03
CA PHE C 205 -4.94 44.77 -28.82
C PHE C 205 -5.06 44.15 -30.20
N SER C 206 -4.25 44.67 -31.11
CA SER C 206 -4.20 44.21 -32.47
C SER C 206 -2.82 44.62 -32.96
N PRO C 207 -2.06 43.70 -33.57
CA PRO C 207 -0.71 43.96 -34.05
C PRO C 207 -0.69 44.85 -35.27
N TYR C 218 -8.90 43.08 -31.25
CA TYR C 218 -9.51 41.93 -30.60
C TYR C 218 -9.34 42.00 -29.10
N ARG C 219 -10.34 41.48 -28.38
CA ARG C 219 -10.36 41.48 -26.92
C ARG C 219 -10.35 40.05 -26.42
N LEU C 220 -9.47 39.76 -25.47
CA LEU C 220 -9.30 38.41 -24.95
C LEU C 220 -9.90 38.30 -23.56
N TYR C 221 -10.71 37.26 -23.35
CA TYR C 221 -11.40 37.03 -22.10
C TYR C 221 -10.87 35.77 -21.42
N ASP C 222 -10.71 35.85 -20.09
CA ASP C 222 -10.42 34.68 -19.28
C ASP C 222 -11.17 34.82 -17.97
N VAL C 223 -11.73 33.71 -17.49
CA VAL C 223 -12.57 33.74 -16.30
C VAL C 223 -11.97 32.90 -15.18
N VAL C 240 -19.14 36.20 -29.17
CA VAL C 240 -17.82 35.61 -29.24
C VAL C 240 -17.51 35.11 -30.65
N ASN C 241 -16.41 35.59 -31.23
CA ASN C 241 -16.02 35.18 -32.57
C ASN C 241 -15.21 33.89 -32.57
N ALA C 242 -14.44 33.63 -31.52
CA ALA C 242 -13.59 32.45 -31.46
C ALA C 242 -13.50 31.96 -30.02
N VAL C 243 -13.48 30.65 -29.84
CA VAL C 243 -13.21 30.01 -28.56
C VAL C 243 -11.87 29.30 -28.65
N ILE C 244 -10.94 29.69 -27.79
CA ILE C 244 -9.67 28.99 -27.65
C ILE C 244 -9.82 27.99 -26.50
N PHE C 245 -9.75 26.71 -26.83
CA PHE C 245 -9.82 25.64 -25.84
C PHE C 245 -8.40 25.14 -25.57
N CYS C 246 -7.95 25.28 -24.32
CA CYS C 246 -6.64 24.81 -23.92
C CYS C 246 -6.79 23.42 -23.31
N ALA C 247 -6.10 22.44 -23.89
CA ALA C 247 -6.08 21.07 -23.39
C ALA C 247 -4.64 20.66 -23.16
N ALA C 248 -4.24 20.56 -21.90
CA ALA C 248 -2.90 20.11 -21.54
C ALA C 248 -2.83 18.62 -21.82
N ILE C 249 -2.20 18.24 -22.93
CA ILE C 249 -2.09 16.82 -23.24
C ILE C 249 -1.21 16.12 -22.21
N SER C 250 -0.31 16.84 -21.57
CA SER C 250 0.60 16.22 -20.62
C SER C 250 -0.12 15.65 -19.40
N GLU C 251 -1.28 16.19 -19.06
CA GLU C 251 -1.95 15.69 -17.87
C GLU C 251 -2.57 14.30 -18.06
N TYR C 252 -2.27 13.57 -19.15
CA TYR C 252 -2.87 12.26 -19.36
C TYR C 252 -2.43 11.28 -18.28
N ASP C 253 -1.19 11.41 -17.80
CA ASP C 253 -0.72 10.54 -16.73
C ASP C 253 -1.39 10.89 -15.41
N GLN C 254 -1.68 12.16 -15.19
CA GLN C 254 -2.06 12.65 -13.87
C GLN C 254 -3.56 12.52 -13.63
N MET C 255 -3.91 12.23 -12.37
CA MET C 255 -5.29 12.30 -11.93
C MET C 255 -5.64 13.72 -11.53
N LEU C 256 -6.93 14.01 -11.45
CA LEU C 256 -7.37 15.35 -11.07
C LEU C 256 -6.93 15.67 -9.65
N PHE C 257 -6.64 16.95 -9.40
CA PHE C 257 -6.23 17.34 -8.05
C PHE C 257 -7.42 17.41 -7.10
N GLU C 258 -8.57 17.88 -7.57
CA GLU C 258 -9.73 17.95 -6.71
C GLU C 258 -10.32 16.56 -6.46
N ASP C 259 -10.35 15.71 -7.48
CA ASP C 259 -10.88 14.36 -7.36
C ASP C 259 -9.80 13.38 -7.80
N GLU C 260 -9.49 12.42 -6.93
CA GLU C 260 -8.33 11.55 -7.13
C GLU C 260 -8.62 10.33 -8.00
N THR C 261 -9.89 9.94 -8.16
CA THR C 261 -10.19 8.82 -9.04
C THR C 261 -10.15 9.22 -10.51
N LYS C 262 -10.56 10.45 -10.81
CA LYS C 262 -10.73 10.89 -12.19
C LYS C 262 -9.39 11.24 -12.84
N ASN C 263 -9.34 11.02 -14.15
CA ASN C 263 -8.18 11.36 -14.96
C ASN C 263 -8.50 12.63 -15.73
N ARG C 264 -7.59 13.61 -15.69
CA ARG C 264 -7.92 14.91 -16.27
C ARG C 264 -7.92 14.91 -17.79
N MET C 265 -7.28 13.95 -18.44
CA MET C 265 -7.45 13.82 -19.87
C MET C 265 -8.85 13.31 -20.20
N MET C 266 -9.39 12.43 -19.35
CA MET C 266 -10.79 12.03 -19.51
C MET C 266 -11.73 13.18 -19.16
N GLU C 267 -11.40 13.95 -18.12
CA GLU C 267 -12.17 15.15 -17.81
C GLU C 267 -11.99 16.21 -18.89
N THR C 268 -10.84 16.22 -19.57
CA THR C 268 -10.68 17.09 -20.72
C THR C 268 -11.60 16.67 -21.85
N LYS C 269 -11.75 15.36 -22.06
CA LYS C 269 -12.69 14.87 -23.07
C LYS C 269 -14.12 15.26 -22.73
N GLU C 270 -14.51 15.06 -21.46
CA GLU C 270 -15.84 15.43 -21.02
C GLU C 270 -16.10 16.91 -21.23
N LEU C 271 -15.17 17.76 -20.81
CA LEU C 271 -15.36 19.20 -20.95
C LEU C 271 -15.36 19.61 -22.41
N PHE C 272 -14.39 19.13 -23.19
CA PHE C 272 -14.33 19.45 -24.61
C PHE C 272 -15.63 19.09 -25.32
N ASP C 273 -16.08 17.84 -25.13
CA ASP C 273 -17.33 17.40 -25.72
C ASP C 273 -18.50 18.27 -25.27
N TRP C 274 -18.56 18.57 -23.97
CA TRP C 274 -19.65 19.39 -23.45
C TRP C 274 -19.65 20.78 -24.09
N VAL C 275 -18.48 21.39 -24.24
CA VAL C 275 -18.40 22.72 -24.84
C VAL C 275 -18.81 22.66 -26.31
N LEU C 276 -18.30 21.68 -27.05
CA LEU C 276 -18.62 21.56 -28.47
C LEU C 276 -20.13 21.40 -28.68
N LYS C 277 -20.79 20.67 -27.80
CA LYS C 277 -22.20 20.35 -27.94
C LYS C 277 -23.12 21.52 -27.60
N GLN C 278 -22.65 22.49 -26.82
CA GLN C 278 -23.52 23.56 -26.35
C GLN C 278 -24.01 24.43 -27.50
N ARG C 279 -25.29 24.80 -27.43
CA ARG C 279 -25.95 25.58 -28.47
C ARG C 279 -25.49 27.03 -28.52
N CYS C 280 -24.75 27.50 -27.51
CA CYS C 280 -24.29 28.88 -27.50
C CYS C 280 -23.04 29.09 -28.33
N PHE C 281 -22.31 28.02 -28.64
CA PHE C 281 -21.07 28.10 -29.41
C PHE C 281 -21.23 27.57 -30.82
N GLU C 282 -22.46 27.24 -31.22
CA GLU C 282 -22.75 26.89 -32.61
C GLU C 282 -22.26 27.99 -33.56
N LYS C 283 -22.41 29.24 -33.15
CA LYS C 283 -21.96 30.36 -33.97
C LYS C 283 -20.45 30.49 -33.99
N THR C 284 -19.79 30.12 -32.89
CA THR C 284 -18.40 30.47 -32.68
C THR C 284 -17.46 29.46 -33.33
N SER C 285 -16.45 29.95 -34.04
CA SER C 285 -15.39 29.09 -34.54
C SER C 285 -14.49 28.65 -33.39
N PHE C 286 -13.83 27.51 -33.56
CA PHE C 286 -13.13 26.85 -32.46
C PHE C 286 -11.65 26.69 -32.79
N ILE C 287 -10.81 27.05 -31.82
CA ILE C 287 -9.36 26.91 -31.90
C ILE C 287 -8.92 26.04 -30.73
N LEU C 288 -8.21 24.94 -31.01
CA LEU C 288 -7.78 24.01 -29.98
C LEU C 288 -6.27 24.10 -29.80
N PHE C 289 -5.84 24.26 -28.56
CA PHE C 289 -4.42 24.23 -28.19
C PHE C 289 -4.14 22.94 -27.45
N LEU C 290 -3.20 22.15 -27.97
CA LEU C 290 -2.68 20.98 -27.27
C LEU C 290 -1.43 21.43 -26.52
N ASN C 291 -1.62 21.79 -25.26
CA ASN C 291 -0.59 22.48 -24.49
C ASN C 291 0.33 21.49 -23.78
N LYS C 292 1.41 22.03 -23.21
CA LYS C 292 2.38 21.27 -22.43
C LYS C 292 3.00 20.15 -23.28
N PHE C 293 3.23 20.45 -24.55
CA PHE C 293 3.84 19.48 -25.46
C PHE C 293 5.25 19.11 -25.01
N ASP C 294 5.98 20.08 -24.45
CA ASP C 294 7.32 19.80 -23.95
C ASP C 294 7.29 18.74 -22.85
N ILE C 295 6.35 18.89 -21.90
CA ILE C 295 6.21 17.86 -20.87
C ILE C 295 5.90 16.51 -21.51
N CYS C 296 5.11 16.52 -22.58
CA CYS C 296 4.74 15.27 -23.26
C CYS C 296 5.95 14.60 -23.88
N GLU C 297 6.80 15.37 -24.59
CA GLU C 297 7.97 14.76 -25.23
C GLU C 297 8.93 14.20 -24.19
N LYS C 298 9.03 14.80 -23.01
CA LYS C 298 9.79 14.19 -21.93
C LYS C 298 9.01 13.00 -21.36
N LYS C 299 7.73 13.20 -21.07
CA LYS C 299 6.97 12.22 -20.30
C LYS C 299 6.81 10.90 -21.06
N ILE C 300 6.64 10.96 -22.38
CA ILE C 300 6.29 9.76 -23.16
C ILE C 300 7.35 8.67 -23.04
N GLN C 301 8.62 9.04 -22.85
CA GLN C 301 9.71 8.07 -22.96
C GLN C 301 9.64 7.01 -21.86
N LYS C 302 9.20 7.38 -20.65
CA LYS C 302 9.20 6.44 -19.54
C LYS C 302 7.82 6.15 -18.96
N VAL C 303 6.74 6.72 -19.52
CA VAL C 303 5.41 6.25 -19.17
C VAL C 303 4.62 6.03 -20.46
N PRO C 304 4.01 4.86 -20.63
CA PRO C 304 3.19 4.62 -21.83
C PRO C 304 2.04 5.61 -21.90
N LEU C 305 1.75 6.07 -23.12
CA LEU C 305 0.57 6.90 -23.35
C LEU C 305 -0.71 6.09 -23.30
N SER C 306 -0.61 4.76 -23.37
CA SER C 306 -1.77 3.86 -23.34
C SER C 306 -2.44 3.80 -21.97
N VAL C 307 -1.85 4.41 -20.94
CA VAL C 307 -2.42 4.34 -19.60
C VAL C 307 -3.82 4.95 -19.58
N CYS C 308 -4.02 6.03 -20.32
CA CYS C 308 -5.34 6.63 -20.42
C CYS C 308 -6.30 5.68 -21.12
N GLU C 309 -7.52 5.56 -20.59
CA GLU C 309 -8.55 4.77 -21.25
C GLU C 309 -8.82 5.30 -22.65
N TRP C 310 -8.77 6.62 -22.81
CA TRP C 310 -8.93 7.23 -24.13
C TRP C 310 -7.84 6.75 -25.08
N PHE C 311 -6.62 6.53 -24.57
CA PHE C 311 -5.47 6.22 -25.39
C PHE C 311 -5.02 4.77 -25.26
N LYS C 312 -5.88 3.89 -24.74
CA LYS C 312 -5.55 2.47 -24.65
C LYS C 312 -5.26 1.86 -26.02
N ASP C 313 -5.76 2.48 -27.10
CA ASP C 313 -5.54 1.98 -28.44
C ASP C 313 -4.08 2.08 -28.87
N TYR C 314 -3.30 2.95 -28.22
CA TYR C 314 -2.04 3.43 -28.77
C TYR C 314 -1.01 2.31 -28.90
N GLN C 315 -0.21 2.37 -29.97
CA GLN C 315 0.90 1.45 -30.20
C GLN C 315 2.02 2.15 -30.96
N PRO C 316 3.28 1.98 -30.55
CA PRO C 316 4.36 2.83 -31.05
C PRO C 316 5.29 2.19 -32.07
N ILE C 317 6.13 3.02 -32.70
CA ILE C 317 7.27 2.58 -33.52
C ILE C 317 8.44 2.30 -32.59
N ALA C 318 8.18 2.39 -31.29
CA ALA C 318 9.14 2.33 -30.18
C ALA C 318 9.97 3.61 -30.15
N VAL C 324 7.44 10.57 -31.30
CA VAL C 324 6.73 11.64 -30.61
C VAL C 324 5.61 12.19 -31.49
N GLU C 325 5.88 12.32 -32.80
CA GLU C 325 4.84 12.76 -33.71
C GLU C 325 3.78 11.69 -33.90
N HIS C 326 4.16 10.42 -33.84
CA HIS C 326 3.18 9.35 -33.77
C HIS C 326 2.27 9.53 -32.56
N ALA C 327 2.87 9.82 -31.40
CA ALA C 327 2.07 10.00 -30.19
C ALA C 327 1.24 11.27 -30.25
N TYR C 328 1.86 12.38 -30.66
CA TYR C 328 1.13 13.65 -30.71
C TYR C 328 -0.08 13.53 -31.63
N GLU C 329 0.13 13.15 -32.89
CA GLU C 329 -1.00 13.09 -33.80
C GLU C 329 -1.97 11.98 -33.42
N PHE C 330 -1.52 10.93 -32.72
CA PHE C 330 -2.46 9.95 -32.19
C PHE C 330 -3.47 10.62 -31.26
N VAL C 331 -2.97 11.31 -30.23
CA VAL C 331 -3.83 12.11 -29.39
C VAL C 331 -4.63 13.10 -30.24
N LYS C 332 -4.02 13.56 -31.34
CA LYS C 332 -4.69 14.53 -32.20
C LYS C 332 -5.82 13.90 -32.98
N LYS C 333 -5.66 12.65 -33.44
CA LYS C 333 -6.80 11.96 -34.05
C LYS C 333 -7.98 11.94 -33.07
N LYS C 334 -7.74 11.44 -31.85
CA LYS C 334 -8.78 11.37 -30.84
C LYS C 334 -9.53 12.69 -30.69
N PHE C 335 -8.81 13.82 -30.75
CA PHE C 335 -9.48 15.11 -30.64
C PHE C 335 -10.26 15.43 -31.91
N GLU C 336 -9.76 15.01 -33.07
CA GLU C 336 -10.53 15.18 -34.31
C GLU C 336 -11.80 14.34 -34.27
N GLU C 337 -11.66 13.01 -34.18
CA GLU C 337 -12.83 12.14 -34.19
C GLU C 337 -13.85 12.52 -33.12
N LEU C 338 -13.38 12.84 -31.92
CA LEU C 338 -14.27 13.34 -30.88
C LEU C 338 -15.01 14.57 -31.34
N TYR C 339 -14.28 15.53 -31.92
CA TYR C 339 -14.91 16.75 -32.42
C TYR C 339 -15.97 16.42 -33.47
N PHE C 340 -15.67 15.52 -34.40
CA PHE C 340 -16.56 15.26 -35.52
C PHE C 340 -17.71 14.33 -35.17
N GLN C 341 -17.60 13.52 -34.11
CA GLN C 341 -18.69 12.57 -33.80
C GLN C 341 -19.94 13.31 -33.36
N SER C 342 -19.80 14.41 -32.64
CA SER C 342 -20.96 15.23 -32.25
C SER C 342 -21.45 16.13 -33.39
N SER C 343 -21.33 15.68 -34.64
CA SER C 343 -21.65 16.51 -35.79
C SER C 343 -23.14 16.42 -36.11
N LYS C 344 -23.81 17.56 -36.00
CA LYS C 344 -25.12 17.78 -36.61
C LYS C 344 -24.93 18.65 -37.85
N PRO C 345 -25.61 18.35 -38.96
CA PRO C 345 -25.25 18.96 -40.25
C PRO C 345 -25.08 20.48 -40.21
N ASP C 346 -25.96 21.20 -39.51
CA ASP C 346 -25.84 22.65 -39.41
C ASP C 346 -24.83 23.10 -38.36
N ARG C 347 -24.22 22.17 -37.63
CA ARG C 347 -23.22 22.59 -36.65
C ARG C 347 -21.88 22.92 -37.30
N VAL C 348 -21.49 22.12 -38.30
CA VAL C 348 -20.12 22.11 -38.80
C VAL C 348 -19.77 23.37 -39.60
N ASP C 349 -20.65 24.37 -39.58
CA ASP C 349 -20.31 25.66 -40.17
C ASP C 349 -19.04 26.23 -39.55
N ARG C 350 -19.02 26.35 -38.23
CA ARG C 350 -17.89 26.92 -37.50
C ARG C 350 -16.63 26.12 -37.77
N VAL C 351 -15.49 26.77 -37.54
CA VAL C 351 -14.19 26.32 -38.02
C VAL C 351 -13.43 25.65 -36.89
N PHE C 352 -12.65 24.63 -37.24
CA PHE C 352 -11.92 23.81 -36.27
C PHE C 352 -10.45 23.74 -36.65
N LYS C 353 -9.59 24.31 -35.82
CA LYS C 353 -8.15 24.26 -36.00
C LYS C 353 -7.49 23.71 -34.74
N ILE C 354 -6.46 22.89 -34.93
CA ILE C 354 -5.71 22.27 -33.84
C ILE C 354 -4.31 22.83 -33.84
N TYR C 355 -3.79 23.16 -32.66
CA TYR C 355 -2.47 23.76 -32.52
C TYR C 355 -1.69 23.07 -31.43
N ARG C 356 -0.48 22.62 -31.77
CA ARG C 356 0.48 22.13 -30.78
C ARG C 356 1.15 23.33 -30.12
N THR C 357 1.03 23.41 -28.80
CA THR C 357 1.37 24.62 -28.07
C THR C 357 2.20 24.31 -26.83
N THR C 358 3.22 25.12 -26.61
CA THR C 358 3.81 25.30 -25.29
C THR C 358 3.46 26.70 -24.82
N ALA C 359 2.79 26.81 -23.68
CA ALA C 359 2.34 28.11 -23.18
C ALA C 359 3.49 28.89 -22.54
N LEU C 360 4.25 28.22 -21.67
CA LEU C 360 5.38 28.86 -21.02
C LEU C 360 6.52 29.15 -21.98
N ASP C 361 6.50 28.55 -23.17
CA ASP C 361 7.43 28.87 -24.23
C ASP C 361 6.75 29.88 -25.15
N GLN C 362 7.15 31.14 -25.06
CA GLN C 362 6.57 32.22 -25.86
C GLN C 362 7.69 32.89 -26.65
N LYS C 363 7.71 32.65 -27.96
CA LYS C 363 8.45 33.49 -28.89
C LYS C 363 7.75 33.74 -30.22
N LEU C 364 6.85 32.86 -30.73
CA LEU C 364 6.42 31.46 -30.52
C LEU C 364 5.27 31.32 -29.50
N VAL C 365 4.43 32.35 -29.46
CA VAL C 365 3.01 32.15 -29.26
C VAL C 365 2.39 32.81 -30.47
N LYS C 366 3.23 33.52 -31.24
CA LYS C 366 2.75 34.24 -32.40
C LYS C 366 2.49 33.31 -33.58
N LYS C 367 3.38 32.35 -33.83
CA LYS C 367 3.14 31.42 -34.93
C LYS C 367 1.75 30.83 -34.84
N THR C 368 1.38 30.36 -33.64
CA THR C 368 -0.02 30.06 -33.36
C THR C 368 -0.89 31.28 -33.62
N PHE C 369 -0.50 32.42 -33.07
CA PHE C 369 -1.28 33.65 -33.20
C PHE C 369 -1.32 34.13 -34.63
N LYS C 370 -0.14 34.30 -35.26
CA LYS C 370 -0.06 34.80 -36.64
C LYS C 370 -1.06 34.09 -37.53
N LEU C 371 -1.21 32.77 -37.35
CA LEU C 371 -2.20 32.03 -38.11
C LEU C 371 -3.63 32.42 -37.74
N ILE C 372 -3.86 32.79 -36.47
CA ILE C 372 -5.19 33.24 -36.09
C ILE C 372 -5.48 34.62 -36.67
N ASP C 373 -4.47 35.49 -36.71
CA ASP C 373 -4.63 36.77 -37.38
C ASP C 373 -4.84 36.62 -38.87
N GLU C 374 -4.23 35.60 -39.47
CA GLU C 374 -4.58 35.25 -40.83
C GLU C 374 -6.00 34.72 -40.91
N SER C 375 -6.41 33.94 -39.90
CA SER C 375 -7.79 33.45 -39.82
C SER C 375 -8.79 34.56 -39.55
N MET C 376 -8.33 35.79 -39.28
CA MET C 376 -9.26 36.90 -39.09
C MET C 376 -10.03 37.21 -40.35
N ARG C 377 -9.39 37.06 -41.51
CA ARG C 377 -10.00 37.26 -42.82
C ARG C 377 -10.33 38.72 -43.06
N ARG C 378 -11.15 39.31 -42.19
CA ARG C 378 -11.52 40.72 -42.24
C ARG C 378 -12.06 41.14 -43.60
N HIS D 43 37.10 11.10 -2.68
CA HIS D 43 35.80 10.53 -2.36
C HIS D 43 35.78 9.87 -0.98
N LYS D 44 36.94 9.79 -0.33
CA LYS D 44 37.08 8.95 0.85
C LYS D 44 36.86 9.73 2.13
N LEU D 45 36.31 9.03 3.12
CA LEU D 45 36.03 9.59 4.44
C LEU D 45 36.68 8.71 5.50
N LEU D 46 37.25 9.34 6.53
CA LEU D 46 37.96 8.62 7.58
C LEU D 46 37.34 8.94 8.93
N LEU D 47 37.22 7.92 9.77
CA LEU D 47 36.66 8.04 11.11
C LEU D 47 37.81 7.98 12.12
N LEU D 48 37.99 9.06 12.87
CA LEU D 48 39.03 9.13 13.90
C LEU D 48 38.41 9.62 15.19
N GLY D 49 38.77 8.98 16.30
CA GLY D 49 38.22 9.35 17.59
C GLY D 49 39.08 8.80 18.71
N ALA D 50 38.71 9.16 19.94
CA ALA D 50 39.46 8.79 21.13
C ALA D 50 38.71 7.68 21.87
N GLY D 51 39.43 6.59 22.15
CA GLY D 51 38.82 5.48 22.87
C GLY D 51 37.60 4.95 22.13
N GLU D 52 36.49 4.85 22.84
CA GLU D 52 35.22 4.43 22.25
C GLU D 52 34.33 5.65 22.01
N SER D 53 34.78 6.47 21.06
CA SER D 53 34.06 7.66 20.65
C SER D 53 32.75 7.35 19.94
N GLY D 54 32.54 6.11 19.51
CA GLY D 54 31.38 5.75 18.75
C GLY D 54 31.58 5.72 17.24
N LYS D 55 32.83 5.77 16.77
CA LYS D 55 33.07 5.70 15.33
C LYS D 55 32.53 4.40 14.75
N SER D 56 32.76 3.28 15.43
CA SER D 56 32.27 2.00 14.94
C SER D 56 30.75 1.99 14.83
N THR D 57 30.07 2.69 15.75
CA THR D 57 28.62 2.83 15.63
C THR D 57 28.24 3.55 14.34
N ILE D 58 28.75 4.77 14.14
CA ILE D 58 28.44 5.54 12.92
C ILE D 58 28.73 4.71 11.69
N PHE D 59 29.87 4.01 11.70
CA PHE D 59 30.17 3.04 10.65
C PHE D 59 29.04 2.03 10.48
N LYS D 60 28.56 1.48 11.60
CA LYS D 60 27.52 0.45 11.53
C LYS D 60 26.22 1.01 10.97
N GLN D 61 25.79 2.18 11.47
CA GLN D 61 24.53 2.71 10.99
C GLN D 61 24.58 3.05 9.50
N ILE D 62 25.75 3.47 8.99
CA ILE D 62 25.89 3.68 7.55
C ILE D 62 25.60 2.39 6.80
N LYS D 63 26.07 1.25 7.32
CA LYS D 63 25.80 -0.03 6.68
C LYS D 63 24.31 -0.33 6.67
N LEU D 64 23.63 -0.08 7.79
CA LEU D 64 22.18 -0.29 7.85
C LEU D 64 21.43 0.76 7.04
N LEU D 65 22.06 1.92 6.85
CA LEU D 65 21.43 3.15 6.37
C LEU D 65 21.04 3.08 4.90
N PHE D 66 22.03 3.14 4.00
CA PHE D 66 21.79 2.92 2.59
C PHE D 66 22.09 1.46 2.24
N GLN D 67 21.45 0.98 1.19
CA GLN D 67 21.73 -0.36 0.69
C GLN D 67 23.07 -0.37 -0.05
N THR D 68 23.93 -1.38 0.19
CA THR D 68 23.83 -2.53 1.12
C THR D 68 22.50 -3.29 1.15
N GLU D 74 21.27 -7.83 5.63
CA GLU D 74 20.96 -9.24 5.86
C GLU D 74 20.69 -9.48 7.35
N LEU D 75 21.48 -8.82 8.20
CA LEU D 75 21.32 -8.84 9.66
C LEU D 75 21.36 -10.23 10.30
N ARG D 76 21.41 -11.29 9.51
CA ARG D 76 21.43 -12.63 10.07
C ARG D 76 22.84 -13.13 10.39
N SER D 77 23.83 -12.67 9.63
CA SER D 77 25.21 -13.05 9.89
C SER D 77 25.69 -12.62 11.27
N TYR D 78 25.03 -11.63 11.88
CA TYR D 78 25.44 -11.12 13.19
C TYR D 78 24.85 -11.90 14.35
N THR D 79 23.99 -12.89 14.09
CA THR D 79 23.43 -13.70 15.16
C THR D 79 24.52 -14.25 16.07
N SER D 80 25.49 -14.95 15.47
CA SER D 80 26.55 -15.60 16.23
C SER D 80 27.32 -14.59 17.07
N VAL D 81 27.68 -13.44 16.46
CA VAL D 81 28.49 -12.46 17.18
C VAL D 81 27.70 -11.86 18.34
N ILE D 82 26.39 -11.67 18.16
CA ILE D 82 25.58 -11.12 19.23
C ILE D 82 25.45 -12.12 20.37
N HIS D 83 25.23 -13.39 20.03
CA HIS D 83 25.22 -14.45 21.04
C HIS D 83 26.55 -14.50 21.79
N ALA D 84 27.65 -14.25 21.08
CA ALA D 84 28.96 -14.26 21.72
C ALA D 84 29.06 -13.16 22.77
N ASN D 85 28.51 -11.98 22.48
CA ASN D 85 28.56 -10.87 23.43
C ASN D 85 27.90 -11.24 24.75
N VAL D 86 26.82 -12.02 24.70
CA VAL D 86 26.19 -12.52 25.91
C VAL D 86 27.22 -13.28 26.74
N TYR D 87 28.00 -14.15 26.09
CA TYR D 87 29.03 -14.91 26.80
C TYR D 87 30.16 -14.00 27.25
N GLN D 88 30.57 -13.05 26.39
CA GLN D 88 31.68 -12.17 26.74
C GLN D 88 31.35 -11.32 27.97
N THR D 89 30.09 -10.88 28.09
CA THR D 89 29.72 -9.97 29.17
C THR D 89 29.49 -10.70 30.49
N ILE D 90 28.55 -11.66 30.53
CA ILE D 90 28.31 -12.40 31.78
C ILE D 90 29.58 -12.96 32.41
N LYS D 91 30.55 -13.40 31.60
CA LYS D 91 31.70 -14.06 32.20
C LYS D 91 32.59 -13.08 32.95
N ILE D 92 32.85 -11.91 32.37
CA ILE D 92 33.65 -10.91 33.09
C ILE D 92 32.96 -10.49 34.37
N LEU D 93 31.63 -10.40 34.33
CA LEU D 93 30.87 -10.12 35.55
C LEU D 93 31.01 -11.25 36.55
N TYR D 94 30.94 -12.49 36.07
CA TYR D 94 31.24 -13.64 36.92
C TYR D 94 32.69 -13.60 37.40
N GLU D 95 33.62 -13.29 36.49
CA GLU D 95 35.02 -13.20 36.87
C GLU D 95 35.27 -11.99 37.76
N GLY D 96 34.42 -10.97 37.68
CA GLY D 96 34.54 -9.85 38.61
C GLY D 96 34.34 -10.28 40.04
N ALA D 97 33.30 -11.07 40.31
CA ALA D 97 33.12 -11.66 41.63
C ALA D 97 34.30 -12.54 42.00
N LYS D 98 34.91 -13.19 41.00
CA LYS D 98 36.04 -14.08 41.26
C LYS D 98 37.18 -13.32 41.94
N GLU D 99 37.55 -12.16 41.40
CA GLU D 99 38.60 -11.37 42.04
C GLU D 99 38.07 -10.68 43.29
N LEU D 100 36.88 -10.08 43.21
CA LEU D 100 36.39 -9.25 44.30
C LEU D 100 36.10 -10.04 45.57
N SER D 101 35.71 -11.31 45.44
CA SER D 101 35.47 -12.13 46.62
C SER D 101 36.76 -12.34 47.41
N GLN D 102 37.89 -12.46 46.72
CA GLN D 102 39.16 -12.77 47.37
C GLN D 102 40.05 -11.56 47.59
N VAL D 103 39.90 -10.50 46.80
CA VAL D 103 40.82 -9.37 46.93
C VAL D 103 40.39 -8.44 48.06
N GLU D 104 39.09 -8.28 48.27
CA GLU D 104 38.57 -7.43 49.32
C GLU D 104 37.58 -8.24 50.14
N SER D 105 37.34 -7.78 51.37
CA SER D 105 36.39 -8.44 52.25
C SER D 105 35.04 -8.56 51.57
N ASP D 106 34.57 -9.81 51.43
CA ASP D 106 33.33 -10.08 50.72
C ASP D 106 32.18 -9.28 51.33
N SER D 107 32.06 -9.30 52.66
CA SER D 107 31.21 -8.44 53.50
C SER D 107 29.69 -8.66 53.52
N SER D 108 29.12 -9.73 52.97
CA SER D 108 29.60 -10.86 52.17
C SER D 108 28.79 -10.95 50.88
N LYS D 109 29.09 -10.07 49.93
CA LYS D 109 28.27 -9.91 48.72
C LYS D 109 28.79 -10.73 47.54
N TYR D 110 30.10 -10.65 47.26
CA TYR D 110 30.63 -11.09 45.97
C TYR D 110 30.66 -12.61 45.82
N VAL D 111 30.36 -13.38 46.87
CA VAL D 111 30.28 -14.83 46.71
C VAL D 111 29.08 -15.16 45.83
N ILE D 112 29.33 -15.89 44.74
CA ILE D 112 28.24 -16.25 43.83
C ILE D 112 27.38 -17.33 44.47
N SER D 113 26.19 -17.52 43.90
CA SER D 113 25.27 -18.53 44.40
C SER D 113 25.79 -19.92 44.05
N PRO D 114 25.69 -20.88 44.98
CA PRO D 114 26.28 -22.21 44.72
C PRO D 114 25.67 -22.94 43.55
N ASP D 115 24.36 -22.83 43.33
CA ASP D 115 23.75 -23.48 42.17
C ASP D 115 24.26 -22.86 40.86
N ASN D 116 24.85 -21.68 40.92
CA ASN D 116 25.37 -20.98 39.76
C ASN D 116 26.88 -21.17 39.61
N GLN D 117 27.47 -22.12 40.32
CA GLN D 117 28.93 -22.25 40.33
C GLN D 117 29.42 -23.05 39.14
N GLU D 118 29.04 -24.33 39.05
CA GLU D 118 29.49 -25.14 37.92
C GLU D 118 28.85 -24.69 36.62
N ILE D 119 27.64 -24.15 36.68
CA ILE D 119 27.06 -23.46 35.53
C ILE D 119 27.86 -22.19 35.23
N GLY D 120 28.29 -21.49 36.28
CA GLY D 120 29.06 -20.27 36.11
C GLY D 120 30.45 -20.49 35.57
N GLU D 121 31.01 -21.68 35.77
CA GLU D 121 32.26 -22.05 35.11
C GLU D 121 32.00 -22.73 33.78
N LYS D 122 31.01 -22.24 33.05
CA LYS D 122 30.76 -22.70 31.69
C LYS D 122 31.97 -22.50 30.79
N LEU D 123 32.83 -21.55 31.14
CA LEU D 123 34.05 -21.28 30.40
C LEU D 123 35.00 -22.48 30.41
N ARG D 129 36.54 -20.89 19.26
CA ARG D 129 36.22 -21.32 17.90
C ARG D 129 34.88 -22.05 17.84
N LEU D 130 34.56 -22.79 18.89
CA LEU D 130 33.29 -23.49 18.96
C LEU D 130 32.14 -22.51 18.85
N ASP D 131 31.42 -22.56 17.73
CA ASP D 131 30.24 -21.70 17.60
C ASP D 131 29.07 -22.20 18.43
N TYR D 132 29.23 -23.36 19.05
CA TYR D 132 28.40 -23.74 20.18
C TYR D 132 28.54 -22.68 21.28
N PRO D 133 27.46 -22.38 22.01
CA PRO D 133 26.09 -22.90 21.86
C PRO D 133 25.05 -21.88 21.42
N LEU D 134 24.24 -22.24 20.42
CA LEU D 134 23.02 -21.51 20.11
C LEU D 134 22.15 -21.42 21.35
N LEU D 135 21.85 -20.20 21.76
CA LEU D 135 21.09 -19.97 22.99
C LEU D 135 19.76 -20.73 22.95
N ASN D 136 19.50 -21.48 24.02
CA ASN D 136 18.25 -22.24 24.11
C ASN D 136 17.92 -22.51 25.58
N LYS D 137 16.69 -22.97 25.79
CA LYS D 137 16.11 -23.39 27.08
C LYS D 137 17.05 -23.32 28.28
N GLU D 138 17.78 -24.40 28.57
CA GLU D 138 18.65 -24.44 29.74
C GLU D 138 19.74 -23.38 29.65
N LEU D 139 20.37 -23.23 28.48
CA LEU D 139 21.43 -22.24 28.32
C LEU D 139 20.93 -20.85 28.67
N VAL D 140 19.77 -20.48 28.13
CA VAL D 140 19.21 -19.15 28.41
C VAL D 140 18.75 -19.06 29.85
N LEU D 141 18.19 -20.15 30.38
CA LEU D 141 17.82 -20.15 31.80
C LEU D 141 19.05 -20.10 32.69
N ASP D 142 20.18 -20.65 32.22
CA ASP D 142 21.40 -20.59 33.01
C ASP D 142 22.02 -19.19 33.01
N VAL D 143 22.03 -18.52 31.85
CA VAL D 143 22.67 -17.20 31.80
C VAL D 143 21.83 -16.19 32.56
N LYS D 144 20.51 -16.29 32.50
CA LYS D 144 19.68 -15.39 33.31
C LYS D 144 19.77 -15.76 34.78
N ARG D 145 19.86 -17.06 35.10
CA ARG D 145 20.09 -17.47 36.47
C ARG D 145 21.42 -16.95 36.99
N LEU D 146 22.37 -16.68 36.08
CA LEU D 146 23.61 -16.02 36.44
C LEU D 146 23.50 -14.51 36.31
N TRP D 147 22.49 -14.01 35.57
CA TRP D 147 22.17 -12.59 35.60
C TRP D 147 21.31 -12.24 36.81
N GLN D 148 20.54 -13.19 37.32
CA GLN D 148 19.63 -12.95 38.44
C GLN D 148 20.24 -13.49 39.73
N ASP D 149 21.22 -12.74 40.23
CA ASP D 149 21.88 -13.03 41.50
C ASP D 149 22.39 -11.73 42.06
N PRO D 150 22.49 -11.62 43.39
CA PRO D 150 23.11 -10.42 43.97
C PRO D 150 24.56 -10.24 43.56
N ALA D 151 25.28 -11.35 43.38
CA ALA D 151 26.71 -11.28 43.11
C ALA D 151 27.01 -10.63 41.76
N ILE D 152 26.21 -10.93 40.74
CA ILE D 152 26.56 -10.45 39.41
C ILE D 152 26.26 -8.95 39.28
N GLN D 153 25.19 -8.47 39.91
CA GLN D 153 24.85 -7.06 39.78
C GLN D 153 25.55 -6.19 40.80
N GLU D 154 25.98 -6.78 41.93
CA GLU D 154 26.91 -6.07 42.80
C GLU D 154 28.28 -5.94 42.13
N THR D 155 28.71 -7.00 41.42
CA THR D 155 29.89 -6.88 40.59
C THR D 155 29.65 -5.91 39.44
N TYR D 156 28.44 -5.94 38.87
CA TYR D 156 28.11 -5.03 37.78
C TYR D 156 28.09 -3.58 38.25
N LEU D 157 27.55 -3.32 39.43
CA LEU D 157 27.49 -1.97 39.97
C LEU D 157 28.82 -1.55 40.59
N ARG D 158 29.90 -1.76 39.85
CA ARG D 158 31.24 -1.38 40.31
C ARG D 158 32.11 -0.97 39.13
N PRO D 165 30.47 -0.58 30.26
CA PRO D 165 29.49 -0.78 29.19
C PRO D 165 28.07 -0.99 29.69
N ASP D 166 27.23 0.04 29.55
CA ASP D 166 25.81 -0.10 29.79
C ASP D 166 25.11 -0.82 28.65
N CYS D 167 25.71 -0.83 27.46
CA CYS D 167 25.17 -1.62 26.36
C CYS D 167 25.14 -3.09 26.70
N ALA D 168 26.07 -3.55 27.54
CA ALA D 168 26.06 -4.95 27.97
C ALA D 168 24.77 -5.29 28.70
N GLN D 169 24.25 -4.35 29.49
CA GLN D 169 22.97 -4.56 30.15
C GLN D 169 21.86 -4.85 29.15
N TYR D 170 21.87 -4.12 28.02
CA TYR D 170 20.85 -4.28 27.00
C TYR D 170 20.69 -5.73 26.58
N PHE D 171 21.81 -6.41 26.33
CA PHE D 171 21.75 -7.84 26.01
C PHE D 171 21.00 -8.61 27.09
N MET D 172 21.26 -8.28 28.34
CA MET D 172 20.62 -9.00 29.43
C MET D 172 19.13 -8.72 29.49
N GLU D 173 18.76 -7.49 29.19
CA GLU D 173 17.36 -7.13 29.18
C GLU D 173 16.63 -7.77 28.02
N ASN D 174 17.36 -8.21 26.98
CA ASN D 174 16.77 -8.77 25.78
C ASN D 174 17.19 -10.21 25.55
N LEU D 175 17.57 -10.94 26.62
CA LEU D 175 18.16 -12.26 26.47
C LEU D 175 17.19 -13.24 25.82
N VAL D 176 15.96 -13.32 26.35
CA VAL D 176 15.04 -14.35 25.91
C VAL D 176 14.59 -14.10 24.46
N ARG D 177 14.52 -12.84 24.04
CA ARG D 177 14.24 -12.57 22.64
C ARG D 177 15.32 -13.14 21.74
N LEU D 178 16.59 -12.89 22.09
CA LEU D 178 17.71 -13.48 21.37
C LEU D 178 17.71 -15.00 21.49
N ALA D 179 17.06 -15.54 22.53
CA ALA D 179 17.15 -16.96 22.83
C ALA D 179 16.50 -17.83 21.75
N GLU D 180 15.42 -17.36 21.15
CA GLU D 180 14.62 -18.22 20.30
C GLU D 180 15.39 -18.66 19.06
N ALA D 181 15.08 -19.87 18.59
CA ALA D 181 15.78 -20.42 17.43
C ALA D 181 15.52 -19.59 16.18
N GLY D 182 14.28 -19.19 15.96
CA GLY D 182 13.94 -18.31 14.87
C GLY D 182 14.20 -16.86 15.21
N TYR D 183 15.46 -16.50 15.43
CA TYR D 183 15.84 -15.15 15.81
C TYR D 183 16.65 -14.51 14.69
N VAL D 184 16.22 -13.35 14.24
CA VAL D 184 16.97 -12.50 13.33
C VAL D 184 17.21 -11.17 14.05
N PRO D 185 18.44 -10.73 14.19
CA PRO D 185 18.72 -9.51 14.96
C PRO D 185 18.08 -8.27 14.35
N THR D 186 17.57 -7.41 15.22
CA THR D 186 17.17 -6.09 14.81
C THR D 186 18.40 -5.24 14.56
N LYS D 187 18.20 -4.11 13.89
CA LYS D 187 19.30 -3.15 13.72
C LYS D 187 19.79 -2.62 15.06
N GLU D 188 18.91 -2.56 16.05
CA GLU D 188 19.29 -2.08 17.37
C GLU D 188 20.27 -3.04 18.04
N ASP D 189 20.05 -4.35 17.87
CA ASP D 189 20.98 -5.33 18.41
C ASP D 189 22.39 -5.10 17.89
N VAL D 190 22.52 -4.89 16.57
CA VAL D 190 23.82 -4.64 15.97
C VAL D 190 24.46 -3.40 16.57
N LEU D 191 23.67 -2.35 16.79
CA LEU D 191 24.20 -1.10 17.33
C LEU D 191 24.74 -1.30 18.73
N TYR D 192 23.96 -1.96 19.59
CA TYR D 192 24.43 -2.25 20.94
C TYR D 192 25.52 -3.31 20.94
N ALA D 193 25.48 -4.23 19.97
CA ALA D 193 26.53 -5.25 19.87
C ALA D 193 27.86 -4.61 19.51
N ARG D 194 28.91 -5.04 20.19
CA ARG D 194 30.27 -4.61 19.89
C ARG D 194 30.96 -5.71 19.10
N VAL D 195 31.29 -5.42 17.85
CA VAL D 195 31.99 -6.35 16.97
C VAL D 195 33.40 -5.81 16.76
N ARG D 196 34.40 -6.65 16.98
CA ARG D 196 35.79 -6.21 16.94
C ARG D 196 36.21 -5.98 15.49
N THR D 197 36.62 -4.76 15.18
CA THR D 197 37.06 -4.44 13.83
C THR D 197 38.49 -4.88 13.63
N ASN D 198 38.73 -5.63 12.55
CA ASN D 198 40.04 -6.19 12.26
C ASN D 198 40.63 -5.45 11.07
N GLY D 199 41.74 -4.74 11.31
CA GLY D 199 42.30 -3.89 10.28
C GLY D 199 41.39 -2.71 10.02
N VAL D 200 41.28 -2.31 8.76
CA VAL D 200 40.32 -1.30 8.35
C VAL D 200 39.19 -1.99 7.61
N VAL D 201 37.98 -1.51 7.83
CA VAL D 201 36.78 -1.98 7.13
C VAL D 201 36.29 -0.87 6.21
N GLN D 202 35.90 -1.25 5.00
CA GLN D 202 35.59 -0.29 3.94
C GLN D 202 34.17 -0.53 3.45
N ILE D 203 33.34 0.52 3.51
CA ILE D 203 32.00 0.51 2.93
C ILE D 203 31.89 1.69 1.98
N GLN D 204 31.49 1.42 0.74
CA GLN D 204 31.18 2.45 -0.23
C GLN D 204 29.68 2.57 -0.40
N PHE D 205 29.20 3.81 -0.46
CA PHE D 205 27.78 4.10 -0.47
C PHE D 205 27.58 5.49 -1.04
N SER D 206 26.41 5.71 -1.65
CA SER D 206 26.08 7.02 -2.19
C SER D 206 24.58 7.19 -2.04
N PRO D 207 24.11 8.39 -1.66
CA PRO D 207 22.67 8.65 -1.54
C PRO D 207 22.04 9.01 -2.87
N VAL D 217 29.34 8.47 -4.09
CA VAL D 217 30.59 7.75 -4.29
C VAL D 217 31.50 7.92 -3.07
N TYR D 218 31.06 7.44 -1.92
CA TYR D 218 31.73 7.74 -0.66
C TYR D 218 32.09 6.44 0.05
N ARG D 219 33.38 6.26 0.30
CA ARG D 219 33.92 5.07 0.95
C ARG D 219 34.31 5.42 2.39
N LEU D 220 33.82 4.62 3.34
CA LEU D 220 34.06 4.88 4.75
C LEU D 220 35.01 3.83 5.31
N TYR D 221 36.03 4.29 6.04
CA TYR D 221 37.10 3.45 6.56
C TYR D 221 37.14 3.58 8.07
N ASP D 222 37.22 2.45 8.76
CA ASP D 222 37.36 2.42 10.21
C ASP D 222 38.37 1.35 10.60
N VAL D 223 39.23 1.67 11.56
CA VAL D 223 40.26 0.75 12.01
C VAL D 223 40.05 0.36 13.47
N GLN D 226 45.51 0.50 18.06
CA GLN D 226 45.69 0.77 19.48
C GLN D 226 46.03 2.24 19.71
N ARG D 227 45.75 2.70 20.94
CA ARG D 227 45.78 4.11 21.30
C ARG D 227 47.12 4.78 21.03
N ASN D 228 48.12 4.48 21.87
CA ASN D 228 49.34 5.29 21.90
C ASN D 228 50.14 5.16 20.61
N GLU D 229 50.17 3.97 20.01
CA GLU D 229 50.92 3.77 18.78
C GLU D 229 49.98 3.96 17.59
N ARG D 230 50.19 5.05 16.86
CA ARG D 230 49.54 5.23 15.57
C ARG D 230 49.99 4.15 14.57
N ARG D 231 51.29 3.96 14.38
CA ARG D 231 52.47 4.33 15.15
C ARG D 231 53.02 5.75 14.90
N LYS D 232 53.16 6.16 13.63
CA LYS D 232 53.59 7.52 13.32
C LYS D 232 52.87 8.00 12.06
N TRP D 233 53.14 9.26 11.68
CA TRP D 233 52.31 10.06 10.78
C TRP D 233 51.56 9.25 9.73
N ILE D 234 50.24 9.43 9.69
CA ILE D 234 49.32 8.46 9.09
C ILE D 234 49.55 8.40 7.58
N HIS D 235 49.49 7.18 7.01
CA HIS D 235 49.48 7.00 5.56
C HIS D 235 48.08 7.02 4.97
N LEU D 236 47.15 7.69 5.64
CA LEU D 236 45.84 8.00 5.07
C LEU D 236 45.78 9.46 4.64
N PHE D 237 46.91 10.17 4.78
CA PHE D 237 46.97 11.59 4.44
C PHE D 237 46.78 11.83 2.95
N GLU D 238 47.18 10.87 2.11
CA GLU D 238 47.09 11.05 0.68
C GLU D 238 45.76 10.50 0.16
N GLY D 239 45.22 11.20 -0.84
CA GLY D 239 43.96 10.80 -1.44
C GLY D 239 42.80 10.70 -0.47
N VAL D 240 42.83 11.48 0.62
CA VAL D 240 41.73 11.53 1.58
C VAL D 240 40.97 12.83 1.34
N ASN D 241 39.64 12.74 1.31
CA ASN D 241 38.82 13.92 1.04
C ASN D 241 38.20 14.51 2.30
N ALA D 242 38.00 13.72 3.34
CA ALA D 242 37.35 14.20 4.55
C ALA D 242 37.78 13.36 5.74
N VAL D 243 37.90 14.00 6.90
CA VAL D 243 38.16 13.33 8.16
C VAL D 243 36.99 13.64 9.08
N ILE D 244 36.28 12.59 9.49
CA ILE D 244 35.19 12.70 10.45
C ILE D 244 35.74 12.33 11.82
N PHE D 245 35.74 13.29 12.74
CA PHE D 245 36.28 13.09 14.09
C PHE D 245 35.14 12.97 15.08
N CYS D 246 35.13 11.89 15.83
CA CYS D 246 34.08 11.61 16.82
C CYS D 246 34.61 11.95 18.21
N ALA D 247 33.90 12.83 18.91
CA ALA D 247 34.25 13.24 20.26
C ALA D 247 33.02 13.05 21.15
N ALA D 248 33.12 12.15 22.12
CA ALA D 248 32.03 11.90 23.05
C ALA D 248 32.01 13.02 24.09
N ILE D 249 31.08 13.96 23.92
CA ILE D 249 31.02 15.09 24.83
C ILE D 249 30.52 14.70 26.21
N SER D 250 29.78 13.59 26.32
CA SER D 250 29.16 13.22 27.58
C SER D 250 30.17 12.69 28.60
N GLU D 251 31.33 12.22 28.15
CA GLU D 251 32.30 11.58 29.03
C GLU D 251 33.15 12.56 29.83
N TYR D 252 32.79 13.85 29.86
CA TYR D 252 33.57 14.81 30.62
C TYR D 252 33.61 14.43 32.10
N ASP D 253 32.53 13.85 32.62
CA ASP D 253 32.52 13.36 33.99
C ASP D 253 33.53 12.23 34.16
N GLN D 254 33.68 11.39 33.14
CA GLN D 254 34.34 10.11 33.29
C GLN D 254 35.86 10.25 33.24
N MET D 255 36.54 9.42 34.01
CA MET D 255 37.97 9.21 33.89
C MET D 255 38.23 8.04 32.95
N LEU D 256 39.47 7.94 32.48
CA LEU D 256 39.81 6.92 31.50
C LEU D 256 39.65 5.53 32.09
N PHE D 257 39.32 4.57 31.22
CA PHE D 257 39.12 3.19 31.66
C PHE D 257 40.42 2.56 32.14
N GLU D 258 41.46 2.63 31.32
CA GLU D 258 42.73 2.00 31.69
C GLU D 258 43.45 2.79 32.77
N ASP D 259 43.43 4.12 32.68
CA ASP D 259 44.16 4.98 33.59
C ASP D 259 43.18 5.86 34.35
N GLU D 260 43.14 5.72 35.66
CA GLU D 260 42.21 6.48 36.50
C GLU D 260 42.66 7.92 36.74
N THR D 261 43.89 8.26 36.38
CA THR D 261 44.36 9.64 36.60
C THR D 261 43.83 10.58 35.52
N LYS D 262 44.00 10.20 34.25
CA LYS D 262 43.68 11.08 33.15
C LYS D 262 42.17 11.12 32.91
N ASN D 263 41.72 12.23 32.33
CA ASN D 263 40.31 12.48 32.04
C ASN D 263 40.07 12.28 30.55
N ARG D 264 39.00 11.57 30.22
CA ARG D 264 38.72 11.25 28.81
C ARG D 264 38.48 12.50 27.99
N MET D 265 37.77 13.48 28.55
CA MET D 265 37.53 14.72 27.82
C MET D 265 38.82 15.46 27.55
N MET D 266 39.76 15.44 28.50
CA MET D 266 41.05 16.10 28.29
C MET D 266 41.85 15.40 27.20
N GLU D 267 41.84 14.08 27.18
CA GLU D 267 42.53 13.35 26.12
C GLU D 267 41.84 13.54 24.78
N THR D 268 40.50 13.65 24.78
CA THR D 268 39.80 14.00 23.56
C THR D 268 40.27 15.34 23.02
N LYS D 269 40.45 16.32 23.92
CA LYS D 269 41.00 17.61 23.53
C LYS D 269 42.42 17.46 23.00
N GLU D 270 43.28 16.75 23.75
CA GLU D 270 44.67 16.61 23.37
C GLU D 270 44.82 15.86 22.05
N LEU D 271 44.06 14.78 21.86
CA LEU D 271 44.14 14.01 20.63
C LEU D 271 43.59 14.81 19.44
N PHE D 272 42.47 15.51 19.64
CA PHE D 272 41.90 16.31 18.57
C PHE D 272 42.88 17.39 18.11
N ASP D 273 43.44 18.15 19.05
CA ASP D 273 44.46 19.13 18.72
C ASP D 273 45.62 18.47 17.98
N TRP D 274 46.00 17.26 18.40
CA TRP D 274 47.10 16.56 17.73
C TRP D 274 46.74 16.21 16.30
N VAL D 275 45.48 15.85 16.05
CA VAL D 275 45.06 15.50 14.69
C VAL D 275 45.04 16.73 13.80
N LEU D 276 44.49 17.83 14.31
CA LEU D 276 44.44 19.08 13.53
C LEU D 276 45.83 19.56 13.17
N LYS D 277 46.79 19.38 14.08
CA LYS D 277 48.14 19.92 13.93
C LYS D 277 48.98 19.16 12.89
N GLN D 278 48.51 18.01 12.41
CA GLN D 278 49.34 17.15 11.57
C GLN D 278 49.73 17.84 10.27
N ARG D 279 50.86 17.39 9.71
CA ARG D 279 51.59 18.16 8.71
C ARG D 279 50.95 18.15 7.32
N CYS D 280 50.13 17.14 7.00
CA CYS D 280 49.51 17.13 5.68
C CYS D 280 48.02 16.83 5.74
N PHE D 281 47.41 16.80 6.91
CA PHE D 281 45.98 17.07 7.03
C PHE D 281 45.70 18.57 6.97
N GLU D 282 46.74 19.38 6.73
CA GLU D 282 46.59 20.83 6.69
C GLU D 282 45.59 21.27 5.64
N LYS D 283 45.60 20.61 4.47
CA LYS D 283 44.63 20.92 3.44
C LYS D 283 43.40 20.02 3.50
N THR D 284 43.50 18.85 4.12
CA THR D 284 42.38 17.92 4.17
C THR D 284 41.28 18.43 5.08
N SER D 285 40.04 18.23 4.66
CA SER D 285 38.89 18.84 5.30
C SER D 285 38.44 18.04 6.53
N PHE D 286 37.75 18.71 7.44
CA PHE D 286 37.41 18.15 8.73
C PHE D 286 35.92 18.30 9.01
N ILE D 287 35.31 17.21 9.48
CA ILE D 287 33.93 17.21 9.99
C ILE D 287 33.96 16.62 11.39
N LEU D 288 33.41 17.36 12.35
CA LEU D 288 33.49 16.97 13.76
C LEU D 288 32.10 16.60 14.27
N PHE D 289 32.01 15.45 14.94
CA PHE D 289 30.78 14.97 15.54
C PHE D 289 30.91 15.02 17.05
N LEU D 290 29.96 15.66 17.71
CA LEU D 290 29.87 15.68 19.17
C LEU D 290 28.87 14.60 19.57
N ASN D 291 29.39 13.44 19.93
CA ASN D 291 28.60 12.23 20.10
C ASN D 291 28.00 12.15 21.51
N LYS D 292 27.11 11.18 21.68
CA LYS D 292 26.45 10.91 22.97
C LYS D 292 25.74 12.14 23.51
N PHE D 293 25.09 12.89 22.61
CA PHE D 293 24.33 14.07 23.03
C PHE D 293 23.22 13.69 24.01
N ASP D 294 22.55 12.57 23.74
CA ASP D 294 21.52 12.08 24.66
C ASP D 294 22.10 11.83 26.04
N ILE D 295 23.26 11.17 26.10
CA ILE D 295 23.90 10.91 27.39
C ILE D 295 24.33 12.21 28.04
N CYS D 296 24.73 13.20 27.25
CA CYS D 296 25.19 14.48 27.80
C CYS D 296 24.04 15.23 28.47
N GLU D 297 22.91 15.34 27.78
CA GLU D 297 21.74 15.98 28.39
C GLU D 297 21.31 15.23 29.65
N LYS D 298 21.42 13.90 29.63
CA LYS D 298 21.24 13.13 30.86
C LYS D 298 22.32 13.43 31.88
N LYS D 299 23.56 13.63 31.41
CA LYS D 299 24.71 13.68 32.31
C LYS D 299 24.73 14.96 33.14
N ILE D 300 24.28 16.07 32.57
CA ILE D 300 24.47 17.36 33.24
C ILE D 300 23.71 17.42 34.55
N GLN D 301 22.54 16.75 34.62
CA GLN D 301 21.70 16.69 35.81
C GLN D 301 21.80 17.96 36.65
N LYS D 302 22.21 17.87 37.90
CA LYS D 302 22.63 19.00 38.70
C LYS D 302 24.14 19.18 38.74
N VAL D 303 24.92 18.36 38.02
CA VAL D 303 26.37 18.45 38.10
C VAL D 303 26.88 19.39 37.00
N PRO D 304 27.78 20.30 37.30
CA PRO D 304 28.37 21.12 36.23
C PRO D 304 29.42 20.35 35.45
N LEU D 305 29.52 20.65 34.16
CA LEU D 305 30.67 20.20 33.39
C LEU D 305 31.92 20.99 33.72
N SER D 306 31.83 21.95 34.64
CA SER D 306 33.01 22.58 35.20
C SER D 306 33.89 21.57 35.92
N VAL D 307 33.37 20.38 36.23
CA VAL D 307 34.18 19.31 36.79
C VAL D 307 35.34 18.98 35.86
N CYS D 308 35.14 19.10 34.55
CA CYS D 308 36.24 18.96 33.62
C CYS D 308 37.20 20.13 33.78
N GLU D 309 38.50 19.82 33.83
CA GLU D 309 39.51 20.88 33.94
C GLU D 309 39.47 21.81 32.73
N TRP D 310 39.10 21.28 31.57
CA TRP D 310 38.95 22.11 30.38
C TRP D 310 37.82 23.11 30.52
N PHE D 311 36.75 22.74 31.23
CA PHE D 311 35.53 23.54 31.30
C PHE D 311 35.35 24.20 32.67
N LYS D 312 36.42 24.39 33.43
CA LYS D 312 36.29 24.88 34.80
C LYS D 312 35.76 26.31 34.85
N ASP D 313 36.04 27.12 33.83
CA ASP D 313 35.55 28.49 33.82
C ASP D 313 34.02 28.55 33.83
N TYR D 314 33.38 27.54 33.26
CA TYR D 314 31.95 27.59 33.00
C TYR D 314 31.13 27.51 34.29
N GLN D 315 30.02 28.23 34.30
CA GLN D 315 29.04 28.17 35.40
C GLN D 315 27.66 28.12 34.78
N PRO D 316 26.86 27.10 35.07
CA PRO D 316 25.53 26.93 34.43
C PRO D 316 24.40 27.75 35.04
N ILE D 317 24.39 29.05 34.70
CA ILE D 317 23.39 30.03 35.12
C ILE D 317 22.92 29.73 36.55
N ALA D 318 21.63 29.47 36.72
CA ALA D 318 21.06 29.23 38.04
C ALA D 318 21.03 27.74 38.38
N GLU D 323 21.17 25.82 30.68
CA GLU D 323 21.37 24.39 30.89
C GLU D 323 21.88 23.67 29.63
N VAL D 324 21.19 22.62 29.20
CA VAL D 324 21.72 21.70 28.20
C VAL D 324 22.18 22.43 26.95
N GLU D 325 21.33 23.29 26.39
CA GLU D 325 21.72 23.99 25.17
C GLU D 325 22.81 25.02 25.46
N HIS D 326 22.73 25.70 26.60
CA HIS D 326 23.82 26.56 27.04
C HIS D 326 25.10 25.76 27.18
N ALA D 327 25.02 24.57 27.78
CA ALA D 327 26.21 23.74 27.95
C ALA D 327 26.71 23.23 26.61
N TYR D 328 25.81 22.78 25.73
CA TYR D 328 26.23 22.23 24.45
C TYR D 328 26.99 23.27 23.63
N GLU D 329 26.39 24.46 23.46
CA GLU D 329 27.06 25.50 22.69
C GLU D 329 28.32 26.01 23.37
N PHE D 330 28.43 25.86 24.70
CA PHE D 330 29.69 26.18 25.37
C PHE D 330 30.78 25.20 24.95
N VAL D 331 30.51 23.90 25.08
CA VAL D 331 31.47 22.88 24.64
C VAL D 331 31.80 23.07 23.16
N LYS D 332 30.79 23.39 22.35
CA LYS D 332 30.99 23.57 20.92
C LYS D 332 31.98 24.70 20.66
N LYS D 333 31.78 25.86 21.30
CA LYS D 333 32.71 26.97 21.12
C LYS D 333 34.10 26.65 21.63
N LYS D 334 34.21 25.82 22.68
CA LYS D 334 35.52 25.36 23.13
C LYS D 334 36.23 24.58 22.03
N PHE D 335 35.48 23.77 21.28
CA PHE D 335 36.07 22.99 20.20
C PHE D 335 36.48 23.88 19.03
N GLU D 336 35.72 24.95 18.76
CA GLU D 336 36.11 25.90 17.72
C GLU D 336 37.38 26.64 18.11
N GLU D 337 37.44 27.15 19.34
CA GLU D 337 38.66 27.76 19.85
C GLU D 337 39.84 26.82 19.68
N LEU D 338 39.66 25.56 20.09
CA LEU D 338 40.70 24.56 19.91
C LEU D 338 41.08 24.41 18.44
N TYR D 339 40.08 24.42 17.55
CA TYR D 339 40.36 24.28 16.13
C TYR D 339 41.18 25.44 15.60
N PHE D 340 40.80 26.66 15.98
CA PHE D 340 41.47 27.85 15.44
C PHE D 340 42.93 27.92 15.89
N GLN D 341 43.18 27.67 17.18
CA GLN D 341 44.55 27.72 17.68
C GLN D 341 45.39 26.57 17.13
N SER D 342 44.76 25.42 16.84
CA SER D 342 45.47 24.30 16.27
C SER D 342 45.60 24.39 14.75
N SER D 343 44.86 25.28 14.11
CA SER D 343 44.92 25.43 12.65
C SER D 343 46.03 26.39 12.25
N ARG D 350 39.98 24.92 4.80
CA ARG D 350 39.96 23.55 5.28
C ARG D 350 38.54 23.11 5.64
N VAL D 351 37.59 24.04 5.44
CA VAL D 351 36.16 23.90 5.71
C VAL D 351 35.89 23.04 6.95
N PHE D 352 35.77 23.71 8.10
CA PHE D 352 35.43 23.07 9.37
C PHE D 352 33.93 23.15 9.61
N LYS D 353 33.36 22.08 10.16
CA LYS D 353 31.95 22.09 10.46
C LYS D 353 31.66 21.11 11.59
N ILE D 354 30.75 21.49 12.48
CA ILE D 354 30.45 20.74 13.70
C ILE D 354 28.99 20.34 13.67
N TYR D 355 28.71 19.07 13.95
CA TYR D 355 27.34 18.56 14.04
C TYR D 355 27.07 18.09 15.46
N ARG D 356 25.91 18.48 16.00
CA ARG D 356 25.41 17.84 17.21
C ARG D 356 24.87 16.46 16.84
N THR D 357 25.34 15.43 17.55
CA THR D 357 25.16 14.07 17.08
C THR D 357 24.78 13.12 18.20
N THR D 358 23.70 12.38 18.00
CA THR D 358 23.46 11.12 18.68
C THR D 358 23.65 9.99 17.68
N ALA D 359 24.10 8.85 18.16
CA ALA D 359 24.54 7.76 17.31
C ALA D 359 23.60 6.56 17.29
N LEU D 360 23.18 6.08 18.47
CA LEU D 360 22.66 4.72 18.57
C LEU D 360 21.21 4.58 18.12
N ASP D 361 20.59 5.65 17.65
CA ASP D 361 19.34 5.53 16.92
C ASP D 361 19.59 5.95 15.48
N GLN D 362 18.57 5.83 14.63
CA GLN D 362 18.74 5.92 13.18
C GLN D 362 17.93 7.09 12.62
N LYS D 363 18.65 8.00 11.94
CA LYS D 363 18.08 9.14 11.23
C LYS D 363 17.36 10.09 12.19
N LEU D 364 18.08 10.62 13.18
CA LEU D 364 19.43 10.45 13.76
C LEU D 364 20.54 10.37 12.72
N VAL D 365 21.55 9.52 12.93
CA VAL D 365 22.83 9.69 12.23
C VAL D 365 22.67 9.95 10.74
N LYS D 366 21.66 9.35 10.10
CA LYS D 366 21.62 9.33 8.64
C LYS D 366 21.46 10.71 8.00
N LYS D 367 20.91 11.69 8.70
CA LYS D 367 20.44 12.89 8.01
C LYS D 367 21.56 13.91 7.72
N THR D 368 22.62 13.97 8.53
CA THR D 368 23.75 14.83 8.15
C THR D 368 24.34 14.41 6.81
N PHE D 369 24.35 13.11 6.51
CA PHE D 369 24.94 12.65 5.26
C PHE D 369 24.38 13.39 4.06
N LYS D 370 23.11 13.78 4.12
CA LYS D 370 22.63 14.80 3.19
C LYS D 370 23.46 16.07 3.32
N LEU D 371 23.60 16.58 4.55
CA LEU D 371 24.34 17.83 4.75
C LEU D 371 25.82 17.72 4.39
N ILE D 372 26.47 16.56 4.59
CA ILE D 372 27.84 16.48 4.07
C ILE D 372 27.84 16.42 2.54
N ASP D 373 26.93 15.64 1.93
CA ASP D 373 27.00 15.52 0.48
C ASP D 373 26.69 16.83 -0.24
N GLU D 374 25.81 17.67 0.31
CA GLU D 374 25.73 19.03 -0.21
C GLU D 374 27.01 19.80 0.12
N SER D 375 27.59 19.55 1.29
CA SER D 375 28.80 20.28 1.68
C SER D 375 29.96 20.00 0.74
N MET D 376 30.01 18.82 0.12
CA MET D 376 31.11 18.50 -0.80
C MET D 376 30.77 18.91 -2.23
N ARG D 377 30.40 20.18 -2.44
CA ARG D 377 30.16 20.66 -3.79
C ARG D 377 31.42 20.57 -4.62
N ARG D 378 31.25 20.22 -5.90
CA ARG D 378 32.34 20.13 -6.86
C ARG D 378 33.40 19.13 -6.42
#